data_5ZW0
#
_entry.id   5ZW0
#
_cell.length_a   79.224
_cell.length_b   163.020
_cell.length_c   146.140
_cell.angle_alpha   90.00
_cell.angle_beta   90.00
_cell.angle_gamma   90.00
#
_symmetry.space_group_name_H-M   'C 2 2 21'
#
loop_
_entity.id
_entity.type
_entity.pdbx_description
1 polymer 'L-prolyl-[peptidyl-carrier protein] dehydrogenase'
2 water water
#
_entity_poly.entity_id   1
_entity_poly.type   'polypeptide(L)'
_entity_poly.pdbx_seq_one_letter_code
;MDFNLSNSQSDIYESAYRFACDVLDQDAQTRISQKILSTELWKKAAAYGFAHGPVSHQFGGSELGALDTALMIEALGKGS
RDIGLSFSLCAHLCACVIPLYRFGSSELKDKYLESLVTGKLIAANAATEPDAGSDIYNMQATAQPCEGGYILNGKKIFIT
NAPIADVFIIYAKTNPDHGFLGVSAFLIEKGTPGLNVGEVIPKDCLSNCPWSEIVFNDIFIPQSQRIGMEGAGGAIFHDS
MIWEKGCLSALFVGGLARLLETTLEYAKARQQFGKAIGQFQSVSNRIIDMKLRLEQCRLMLYRACWKHDQGQDAEADIAM
SKLLISEYAVQSGLDAIQTFGGAAMDQELGLVRHLLNMIPSRIFSGTNDIQKEIIARKLGLRGTSSGSLVPRGSHHHHHH
HH
;
_entity_poly.pdbx_strand_id   A,B
#
# COMPACT_ATOMS: atom_id res chain seq x y z
N MET A 1 0.95 1.38 -15.83
CA MET A 1 0.85 1.99 -14.52
C MET A 1 0.56 3.50 -14.53
N ASP A 2 -0.50 3.90 -13.84
CA ASP A 2 -0.97 5.29 -13.80
C ASP A 2 -1.63 5.51 -12.45
N PHE A 3 -1.30 6.63 -11.79
CA PHE A 3 -1.79 6.91 -10.45
C PHE A 3 -2.59 8.20 -10.40
N ASN A 4 -3.01 8.69 -11.56
CA ASN A 4 -3.88 9.86 -11.58
C ASN A 4 -5.31 9.40 -11.79
N LEU A 5 -6.23 10.16 -11.21
CA LEU A 5 -7.62 10.00 -11.61
C LEU A 5 -7.81 10.50 -13.03
N SER A 6 -8.48 9.71 -13.87
CA SER A 6 -9.08 10.27 -15.07
C SER A 6 -10.00 11.44 -14.71
N ASN A 7 -10.26 12.28 -15.71
CA ASN A 7 -11.13 13.43 -15.47
C ASN A 7 -12.51 13.00 -15.01
N SER A 8 -13.03 11.91 -15.58
CA SER A 8 -14.34 11.40 -15.18
C SER A 8 -14.34 11.01 -13.71
N GLN A 9 -13.30 10.29 -13.28
CA GLN A 9 -13.19 9.87 -11.88
C GLN A 9 -13.00 11.07 -10.98
N SER A 10 -12.21 12.03 -11.43
CA SER A 10 -12.02 13.24 -10.65
C SER A 10 -13.34 13.97 -10.45
N ASP A 11 -14.18 14.04 -11.48
CA ASP A 11 -15.47 14.70 -11.37
C ASP A 11 -16.38 13.94 -10.41
N ILE A 12 -16.43 12.62 -10.57
CA ILE A 12 -17.24 11.79 -9.68
C ILE A 12 -16.85 12.02 -8.22
N TYR A 13 -15.55 12.01 -7.93
CA TYR A 13 -15.12 12.24 -6.57
C TYR A 13 -15.46 13.66 -6.10
N GLU A 14 -15.16 14.69 -6.91
CA GLU A 14 -15.33 16.06 -6.42
C GLU A 14 -16.81 16.40 -6.26
N SER A 15 -17.64 15.97 -7.20
CA SER A 15 -19.07 16.18 -7.08
C SER A 15 -19.62 15.50 -5.84
N ALA A 16 -19.24 14.25 -5.60
CA ALA A 16 -19.73 13.54 -4.41
C ALA A 16 -19.22 14.20 -3.12
N TYR A 17 -17.99 14.72 -3.13
CA TYR A 17 -17.48 15.37 -1.93
C TYR A 17 -18.23 16.67 -1.65
N ARG A 18 -18.50 17.46 -2.69
CA ARG A 18 -19.32 18.65 -2.51
C ARG A 18 -20.68 18.29 -1.95
N PHE A 19 -21.32 17.26 -2.50
CA PHE A 19 -22.64 16.87 -1.98
C PHE A 19 -22.54 16.47 -0.51
N ALA A 20 -21.54 15.66 -0.16
CA ALA A 20 -21.41 15.26 1.24
C ALA A 20 -21.15 16.46 2.15
N CYS A 21 -20.30 17.40 1.70
CA CYS A 21 -19.96 18.55 2.53
C CYS A 21 -21.16 19.48 2.70
N ASP A 22 -21.79 19.86 1.58
CA ASP A 22 -22.79 20.92 1.53
C ASP A 22 -24.20 20.46 1.85
N VAL A 23 -24.55 19.21 1.65
CA VAL A 23 -25.92 18.75 1.88
C VAL A 23 -25.99 17.85 3.11
N LEU A 24 -25.15 16.82 3.19
CA LEU A 24 -25.26 15.86 4.29
C LEU A 24 -24.60 16.35 5.56
N ASP A 25 -23.47 17.04 5.46
CA ASP A 25 -22.72 17.40 6.64
C ASP A 25 -23.26 18.64 7.34
N GLN A 26 -24.06 19.45 6.64
CA GLN A 26 -24.37 20.81 7.10
C GLN A 26 -24.90 20.84 8.53
N ASP A 27 -25.89 20.03 8.83
CA ASP A 27 -26.38 19.96 10.20
C ASP A 27 -26.12 18.59 10.82
N ALA A 28 -25.05 17.92 10.37
CA ALA A 28 -24.76 16.57 10.86
C ALA A 28 -24.61 16.55 12.38
N GLN A 29 -23.93 17.56 12.93
CA GLN A 29 -23.78 17.77 14.37
C GLN A 29 -25.05 17.47 15.16
N THR A 30 -26.14 18.16 14.81
CA THR A 30 -27.37 18.06 15.56
C THR A 30 -28.02 16.70 15.37
N ARG A 31 -28.20 16.26 14.12
CA ARG A 31 -28.82 14.96 13.86
C ARG A 31 -28.08 13.86 14.62
N ILE A 32 -26.75 13.96 14.69
CA ILE A 32 -25.96 12.99 15.43
C ILE A 32 -26.28 13.08 16.92
N SER A 33 -26.30 14.29 17.48
CA SER A 33 -26.60 14.42 18.91
C SER A 33 -27.94 13.77 19.27
N GLN A 34 -28.97 14.02 18.46
CA GLN A 34 -30.33 13.56 18.73
C GLN A 34 -30.63 12.21 18.11
N LYS A 35 -29.61 11.46 17.69
CA LYS A 35 -29.76 10.14 17.07
C LYS A 35 -30.81 10.13 15.97
N ILE A 36 -30.74 11.09 15.06
CA ILE A 36 -31.71 11.23 13.97
C ILE A 36 -31.10 10.67 12.69
N LEU A 37 -31.79 9.71 12.08
CA LEU A 37 -31.51 9.30 10.70
C LEU A 37 -32.49 10.03 9.78
N SER A 38 -32.00 11.01 9.03
CA SER A 38 -32.88 11.81 8.17
C SER A 38 -33.24 11.03 6.90
N THR A 39 -34.47 10.49 6.85
CA THR A 39 -34.94 9.87 5.61
C THR A 39 -34.97 10.88 4.47
N GLU A 40 -35.18 12.15 4.79
CA GLU A 40 -35.09 13.18 3.76
C GLU A 40 -33.71 13.18 3.12
N LEU A 41 -32.67 13.34 3.95
CA LEU A 41 -31.31 13.37 3.41
C LEU A 41 -30.92 12.02 2.83
N TRP A 42 -31.37 10.92 3.45
CA TRP A 42 -31.09 9.61 2.89
C TRP A 42 -31.58 9.52 1.44
N LYS A 43 -32.81 10.01 1.18
CA LYS A 43 -33.39 9.90 -0.16
C LYS A 43 -32.72 10.86 -1.13
N LYS A 44 -32.37 12.06 -0.66
CA LYS A 44 -31.61 12.97 -1.52
C LYS A 44 -30.30 12.34 -1.95
N ALA A 45 -29.58 11.73 -0.99
CA ALA A 45 -28.26 11.18 -1.29
C ALA A 45 -28.39 9.98 -2.23
N ALA A 46 -29.37 9.12 -1.99
CA ALA A 46 -29.59 7.99 -2.87
C ALA A 46 -29.92 8.47 -4.28
N ALA A 47 -30.82 9.44 -4.40
CA ALA A 47 -31.19 9.91 -5.74
C ALA A 47 -30.03 10.66 -6.41
N TYR A 48 -29.13 11.23 -5.63
CA TYR A 48 -27.98 11.88 -6.22
C TYR A 48 -27.11 10.87 -6.95
N GLY A 49 -27.07 9.63 -6.46
CA GLY A 49 -26.22 8.61 -7.04
C GLY A 49 -25.61 7.61 -6.06
N PHE A 50 -25.66 7.86 -4.75
CA PHE A 50 -25.04 6.92 -3.81
C PHE A 50 -25.75 5.58 -3.77
N ALA A 51 -26.96 5.46 -4.33
CA ALA A 51 -27.66 4.18 -4.40
C ALA A 51 -27.58 3.53 -5.79
N HIS A 52 -26.74 4.07 -6.69
CA HIS A 52 -26.69 3.66 -8.08
C HIS A 52 -25.68 2.54 -8.35
N GLY A 53 -24.43 2.72 -7.92
CA GLY A 53 -23.37 1.79 -8.20
C GLY A 53 -23.30 1.44 -9.67
N PRO A 54 -23.24 0.15 -9.96
CA PRO A 54 -23.10 -0.31 -11.35
C PRO A 54 -24.39 -0.37 -12.12
N VAL A 55 -25.52 -0.02 -11.51
CA VAL A 55 -26.80 -0.12 -12.20
C VAL A 55 -26.79 0.72 -13.48
N SER A 56 -27.33 0.14 -14.56
CA SER A 56 -27.34 0.83 -15.85
C SER A 56 -28.31 2.02 -15.86
N HIS A 57 -28.14 2.88 -16.85
CA HIS A 57 -28.97 4.08 -16.95
C HIS A 57 -30.43 3.74 -17.11
N GLN A 58 -30.73 2.58 -17.70
CA GLN A 58 -32.12 2.20 -17.94
C GLN A 58 -32.91 2.00 -16.65
N PHE A 59 -32.23 1.78 -15.52
CA PHE A 59 -32.88 1.67 -14.22
C PHE A 59 -32.59 2.86 -13.33
N GLY A 60 -32.11 3.96 -13.88
CA GLY A 60 -31.80 5.13 -13.10
C GLY A 60 -30.40 5.16 -12.50
N GLY A 61 -29.55 4.18 -12.80
CA GLY A 61 -28.18 4.19 -12.34
C GLY A 61 -27.27 5.03 -13.23
N SER A 62 -25.99 5.05 -12.88
CA SER A 62 -24.99 5.79 -13.66
C SER A 62 -23.96 4.89 -14.32
N GLU A 63 -24.13 3.56 -14.24
CA GLU A 63 -23.17 2.60 -14.78
C GLU A 63 -21.75 2.88 -14.29
N LEU A 64 -21.63 3.09 -13.00
CA LEU A 64 -20.32 3.24 -12.39
C LEU A 64 -19.64 1.88 -12.28
N GLY A 65 -18.32 1.87 -12.36
CA GLY A 65 -17.58 0.67 -12.02
C GLY A 65 -17.26 0.62 -10.52
N ALA A 66 -16.55 -0.44 -10.14
CA ALA A 66 -16.20 -0.60 -8.73
C ALA A 66 -15.30 0.54 -8.25
N LEU A 67 -14.29 0.91 -9.02
CA LEU A 67 -13.41 2.02 -8.64
C LEU A 67 -14.19 3.33 -8.56
N ASP A 68 -15.11 3.56 -9.50
CA ASP A 68 -15.93 4.76 -9.47
C ASP A 68 -16.75 4.81 -8.19
N THR A 69 -17.43 3.70 -7.89
CA THR A 69 -18.25 3.61 -6.69
C THR A 69 -17.41 3.86 -5.45
N ALA A 70 -16.24 3.22 -5.39
CA ALA A 70 -15.34 3.37 -4.25
C ALA A 70 -14.91 4.83 -4.09
N LEU A 71 -14.65 5.53 -5.21
CA LEU A 71 -14.36 6.96 -5.10
C LEU A 71 -15.54 7.76 -4.56
N MET A 72 -16.76 7.45 -5.00
CA MET A 72 -17.93 8.13 -4.43
C MET A 72 -18.01 7.93 -2.93
N ILE A 73 -17.93 6.67 -2.50
CA ILE A 73 -18.11 6.40 -1.08
C ILE A 73 -16.93 6.93 -0.28
N GLU A 74 -15.73 7.00 -0.88
CA GLU A 74 -14.64 7.68 -0.21
C GLU A 74 -14.96 9.15 0.04
N ALA A 75 -15.43 9.84 -1.00
CA ALA A 75 -15.84 11.23 -0.82
C ALA A 75 -16.89 11.35 0.28
N LEU A 76 -17.84 10.43 0.32
CA LEU A 76 -18.85 10.47 1.35
C LEU A 76 -18.24 10.32 2.74
N GLY A 77 -17.30 9.39 2.89
CA GLY A 77 -16.65 9.21 4.18
C GLY A 77 -15.81 10.39 4.58
N LYS A 78 -15.24 11.10 3.62
CA LYS A 78 -14.44 12.24 4.01
C LYS A 78 -15.29 13.47 4.34
N GLY A 79 -16.35 13.74 3.56
CA GLY A 79 -17.04 15.01 3.62
C GLY A 79 -18.19 15.15 4.62
N SER A 80 -18.75 14.03 5.10
CA SER A 80 -19.92 14.04 5.95
C SER A 80 -19.61 13.31 7.24
N ARG A 81 -19.82 13.98 8.38
CA ARG A 81 -19.65 13.34 9.67
C ARG A 81 -20.76 12.37 10.00
N ASP A 82 -21.88 12.40 9.29
CA ASP A 82 -23.03 11.58 9.65
C ASP A 82 -22.76 10.16 9.12
N ILE A 83 -21.88 9.46 9.82
CA ILE A 83 -21.39 8.19 9.32
C ILE A 83 -22.48 7.12 9.37
N GLY A 84 -23.45 7.24 10.27
CA GLY A 84 -24.54 6.28 10.29
C GLY A 84 -25.43 6.38 9.05
N LEU A 85 -25.71 7.61 8.61
CA LEU A 85 -26.42 7.79 7.36
C LEU A 85 -25.64 7.18 6.21
N SER A 86 -24.31 7.38 6.23
CA SER A 86 -23.44 6.78 5.22
C SER A 86 -23.51 5.26 5.23
N PHE A 87 -23.49 4.66 6.42
CA PHE A 87 -23.54 3.22 6.54
C PHE A 87 -24.88 2.66 6.08
N SER A 88 -25.97 3.33 6.45
CA SER A 88 -27.30 2.95 5.96
C SER A 88 -27.37 2.95 4.43
N LEU A 89 -26.83 4.01 3.81
CA LEU A 89 -26.77 4.07 2.35
C LEU A 89 -25.95 2.90 1.79
N CYS A 90 -24.75 2.66 2.35
CA CYS A 90 -23.91 1.59 1.81
C CYS A 90 -24.60 0.25 1.91
N ALA A 91 -25.29 0.00 3.02
CA ALA A 91 -26.01 -1.26 3.18
C ALA A 91 -27.09 -1.41 2.11
N HIS A 92 -27.94 -0.38 1.94
CA HIS A 92 -28.98 -0.45 0.91
C HIS A 92 -28.38 -0.73 -0.46
N LEU A 93 -27.25 -0.12 -0.76
CA LEU A 93 -26.67 -0.27 -2.08
C LEU A 93 -26.08 -1.67 -2.27
N CYS A 94 -25.28 -2.13 -1.30
CA CYS A 94 -24.47 -3.34 -1.49
C CYS A 94 -25.26 -4.62 -1.21
N ALA A 95 -26.14 -4.58 -0.24
CA ALA A 95 -26.89 -5.76 0.13
C ALA A 95 -28.21 -5.89 -0.59
N CYS A 96 -28.69 -4.85 -1.27
CA CYS A 96 -30.00 -4.94 -1.91
C CYS A 96 -29.98 -4.54 -3.39
N VAL A 97 -29.59 -3.31 -3.69
CA VAL A 97 -29.63 -2.84 -5.07
C VAL A 97 -28.78 -3.75 -5.96
N ILE A 98 -27.56 -4.04 -5.52
CA ILE A 98 -26.62 -4.77 -6.38
C ILE A 98 -27.01 -6.23 -6.56
N PRO A 99 -27.37 -7.01 -5.53
CA PRO A 99 -27.89 -8.36 -5.82
C PRO A 99 -29.09 -8.36 -6.75
N LEU A 100 -30.02 -7.43 -6.59
CA LEU A 100 -31.18 -7.41 -7.47
C LEU A 100 -30.78 -7.11 -8.90
N TYR A 101 -29.91 -6.12 -9.10
CA TYR A 101 -29.49 -5.80 -10.46
C TYR A 101 -28.71 -6.95 -11.09
N ARG A 102 -27.96 -7.69 -10.30
CA ARG A 102 -27.06 -8.68 -10.88
C ARG A 102 -27.72 -10.04 -11.05
N PHE A 103 -28.69 -10.39 -10.21
CA PHE A 103 -29.27 -11.73 -10.20
C PHE A 103 -30.78 -11.78 -10.37
N GLY A 104 -31.48 -10.65 -10.27
CA GLY A 104 -32.91 -10.69 -10.35
C GLY A 104 -33.42 -10.78 -11.78
N SER A 105 -34.59 -11.37 -11.93
CA SER A 105 -35.24 -11.48 -13.24
C SER A 105 -35.60 -10.10 -13.79
N SER A 106 -35.89 -10.06 -15.08
CA SER A 106 -36.37 -8.81 -15.67
C SER A 106 -37.70 -8.38 -15.05
N GLU A 107 -38.54 -9.32 -14.63
CA GLU A 107 -39.81 -8.96 -14.02
C GLU A 107 -39.57 -8.26 -12.68
N LEU A 108 -38.78 -8.89 -11.82
CA LEU A 108 -38.47 -8.31 -10.52
C LEU A 108 -37.78 -6.96 -10.66
N LYS A 109 -36.74 -6.90 -11.51
CA LYS A 109 -36.02 -5.64 -11.70
C LYS A 109 -36.96 -4.56 -12.19
N ASP A 110 -37.81 -4.89 -13.18
CA ASP A 110 -38.77 -3.91 -13.69
C ASP A 110 -39.70 -3.42 -12.61
N LYS A 111 -40.04 -4.29 -11.66
CA LYS A 111 -40.96 -3.84 -10.62
C LYS A 111 -40.27 -2.96 -9.59
N TYR A 112 -39.05 -3.30 -9.16
CA TYR A 112 -38.46 -2.73 -7.94
C TYR A 112 -37.19 -1.91 -8.13
N LEU A 113 -36.35 -2.25 -9.11
CA LEU A 113 -34.96 -1.78 -9.12
C LEU A 113 -34.87 -0.26 -9.21
N GLU A 114 -35.58 0.35 -10.16
CA GLU A 114 -35.48 1.81 -10.29
C GLU A 114 -35.93 2.53 -9.00
N SER A 115 -36.93 1.98 -8.31
CA SER A 115 -37.37 2.61 -7.08
C SER A 115 -36.27 2.54 -6.03
N LEU A 116 -35.56 1.41 -5.97
CA LEU A 116 -34.46 1.29 -5.00
C LEU A 116 -33.29 2.20 -5.39
N VAL A 117 -32.96 2.23 -6.66
CA VAL A 117 -31.83 2.96 -7.17
C VAL A 117 -32.01 4.47 -6.98
N THR A 118 -33.24 4.97 -7.16
CA THR A 118 -33.55 6.38 -7.02
C THR A 118 -33.97 6.76 -5.60
N GLY A 119 -34.06 5.81 -4.68
CA GLY A 119 -34.40 6.16 -3.31
C GLY A 119 -35.88 6.38 -3.01
N LYS A 120 -36.80 5.94 -3.87
CA LYS A 120 -38.21 5.94 -3.51
C LYS A 120 -38.53 4.84 -2.53
N LEU A 121 -37.79 3.73 -2.56
CA LEU A 121 -37.94 2.65 -1.59
C LEU A 121 -36.59 2.39 -0.93
N ILE A 122 -36.60 2.32 0.39
CA ILE A 122 -35.43 1.93 1.17
C ILE A 122 -35.46 0.43 1.34
N ALA A 123 -34.31 -0.22 1.22
CA ALA A 123 -34.26 -1.66 1.38
C ALA A 123 -33.35 -2.05 2.54
N ALA A 124 -33.66 -3.16 3.17
CA ALA A 124 -32.86 -3.72 4.26
C ALA A 124 -32.48 -5.14 3.93
N ASN A 125 -31.40 -5.57 4.56
CA ASN A 125 -30.79 -6.88 4.33
C ASN A 125 -30.99 -7.76 5.55
N ALA A 126 -31.32 -9.03 5.32
CA ALA A 126 -31.62 -9.95 6.42
C ALA A 126 -31.05 -11.32 6.10
N ALA A 127 -29.88 -11.61 6.66
CA ALA A 127 -29.25 -12.92 6.55
C ALA A 127 -28.61 -13.35 7.85
N THR A 128 -28.66 -12.53 8.89
CA THR A 128 -27.97 -12.76 10.15
C THR A 128 -28.93 -13.23 11.23
N GLU A 129 -28.52 -14.26 11.99
CA GLU A 129 -29.27 -14.83 13.10
C GLU A 129 -28.31 -15.13 14.25
N PRO A 130 -28.80 -15.46 15.45
CA PRO A 130 -27.88 -15.73 16.57
C PRO A 130 -26.73 -16.67 16.24
N ASP A 131 -26.99 -17.86 15.72
CA ASP A 131 -25.94 -18.76 15.27
C ASP A 131 -25.75 -18.74 13.77
N ALA A 132 -26.61 -18.01 13.04
CA ALA A 132 -26.58 -18.02 11.57
C ALA A 132 -26.08 -16.71 11.01
N GLY A 133 -25.60 -15.79 11.85
CA GLY A 133 -24.98 -14.59 11.34
C GLY A 133 -23.70 -14.91 10.58
N SER A 134 -22.85 -15.75 11.17
CA SER A 134 -21.63 -16.20 10.51
C SER A 134 -21.95 -17.20 9.42
N ASP A 135 -22.22 -18.45 9.79
CA ASP A 135 -22.54 -19.47 8.80
C ASP A 135 -23.92 -19.21 8.20
N ILE A 136 -23.97 -18.49 7.09
CA ILE A 136 -25.23 -18.22 6.41
C ILE A 136 -25.44 -19.36 5.41
N TYR A 137 -25.28 -20.58 5.92
CA TYR A 137 -25.57 -21.92 5.41
C TYR A 137 -26.29 -22.75 6.45
N ASN A 138 -25.90 -22.61 7.72
CA ASN A 138 -26.67 -23.14 8.85
C ASN A 138 -27.55 -21.99 9.31
N MET A 139 -28.85 -22.11 9.07
CA MET A 139 -29.78 -21.00 9.24
C MET A 139 -31.09 -21.49 9.82
N GLN A 140 -31.57 -20.78 10.84
CA GLN A 140 -32.89 -21.04 11.39
C GLN A 140 -33.94 -20.21 10.67
N ALA A 141 -33.83 -20.19 9.35
CA ALA A 141 -34.79 -19.49 8.49
C ALA A 141 -35.16 -20.43 7.36
N THR A 142 -36.45 -20.63 7.15
CA THR A 142 -36.91 -21.65 6.22
C THR A 142 -38.02 -21.10 5.34
N ALA A 143 -37.87 -21.30 4.03
CA ALA A 143 -38.88 -20.90 3.04
C ALA A 143 -39.16 -22.16 2.22
N GLN A 144 -40.14 -22.92 2.66
CA GLN A 144 -40.43 -24.17 1.98
C GLN A 144 -41.29 -23.92 0.74
N PRO A 145 -41.00 -24.63 -0.36
CA PRO A 145 -41.77 -24.41 -1.59
C PRO A 145 -43.22 -24.85 -1.42
N CYS A 146 -44.09 -24.18 -2.16
CA CYS A 146 -45.52 -24.47 -2.11
C CYS A 146 -46.14 -23.94 -3.40
N GLU A 147 -47.46 -24.13 -3.50
CA GLU A 147 -48.19 -23.78 -4.72
C GLU A 147 -47.99 -22.30 -5.04
N GLY A 148 -47.35 -22.04 -6.18
CA GLY A 148 -47.10 -20.68 -6.63
C GLY A 148 -46.20 -19.86 -5.73
N GLY A 149 -45.33 -20.50 -4.96
CA GLY A 149 -44.44 -19.69 -4.15
C GLY A 149 -43.74 -20.43 -3.03
N TYR A 150 -43.62 -19.74 -1.89
CA TYR A 150 -42.94 -20.28 -0.72
C TYR A 150 -43.66 -19.82 0.55
N ILE A 151 -43.42 -20.57 1.62
CA ILE A 151 -43.86 -20.19 2.96
C ILE A 151 -42.61 -20.00 3.81
N LEU A 152 -42.42 -18.78 4.31
CA LEU A 152 -41.24 -18.38 5.06
C LEU A 152 -41.55 -18.24 6.54
N ASN A 153 -40.64 -18.76 7.37
CA ASN A 153 -40.70 -18.70 8.81
C ASN A 153 -39.28 -18.56 9.36
N GLY A 154 -39.14 -17.72 10.38
CA GLY A 154 -37.85 -17.58 11.02
C GLY A 154 -37.75 -16.24 11.75
N LYS A 155 -36.53 -15.90 12.12
CA LYS A 155 -36.26 -14.67 12.86
C LYS A 155 -34.86 -14.20 12.50
N LYS A 156 -34.76 -13.04 11.85
CA LYS A 156 -33.49 -12.43 11.50
C LYS A 156 -33.20 -11.24 12.41
N ILE A 157 -31.96 -11.15 12.88
CA ILE A 157 -31.55 -10.17 13.87
C ILE A 157 -30.43 -9.28 13.33
N PHE A 158 -30.27 -8.13 13.97
CA PHE A 158 -29.24 -7.14 13.63
C PHE A 158 -29.38 -6.69 12.17
N ILE A 159 -30.58 -6.25 11.81
CA ILE A 159 -30.92 -5.87 10.44
C ILE A 159 -30.71 -4.37 10.26
N THR A 160 -29.67 -4.00 9.50
CA THR A 160 -29.43 -2.60 9.18
C THR A 160 -30.58 -2.04 8.35
N ASN A 161 -31.17 -0.95 8.80
CA ASN A 161 -32.25 -0.20 8.13
C ASN A 161 -33.65 -0.82 8.30
N ALA A 162 -33.81 -1.90 9.05
CA ALA A 162 -35.12 -2.53 9.19
C ALA A 162 -36.20 -1.58 9.71
N PRO A 163 -35.95 -0.72 10.70
CA PRO A 163 -37.04 0.18 11.14
C PRO A 163 -37.53 1.12 10.05
N ILE A 164 -36.71 1.45 9.06
CA ILE A 164 -37.08 2.40 8.01
C ILE A 164 -37.33 1.73 6.67
N ALA A 165 -37.12 0.41 6.59
CA ALA A 165 -37.07 -0.28 5.32
C ALA A 165 -38.46 -0.47 4.72
N ASP A 166 -38.57 -0.29 3.40
CA ASP A 166 -39.79 -0.61 2.66
C ASP A 166 -39.78 -2.03 2.11
N VAL A 167 -38.59 -2.59 1.83
CA VAL A 167 -38.48 -3.97 1.34
C VAL A 167 -37.30 -4.63 2.03
N PHE A 168 -37.32 -5.96 2.04
CA PHE A 168 -36.27 -6.75 2.65
C PHE A 168 -35.78 -7.83 1.68
N ILE A 169 -34.47 -7.97 1.59
CA ILE A 169 -33.82 -9.05 0.85
C ILE A 169 -33.50 -10.12 1.88
N ILE A 170 -34.18 -11.27 1.77
CA ILE A 170 -34.15 -12.32 2.78
C ILE A 170 -33.42 -13.53 2.21
N TYR A 171 -32.56 -14.14 3.00
CA TYR A 171 -31.93 -15.41 2.65
C TYR A 171 -32.58 -16.52 3.46
N ALA A 172 -32.96 -17.60 2.78
CA ALA A 172 -33.75 -18.64 3.44
C ALA A 172 -33.39 -20.01 2.90
N LYS A 173 -33.60 -21.03 3.73
CA LYS A 173 -33.40 -22.41 3.31
C LYS A 173 -34.52 -22.85 2.37
N THR A 174 -34.14 -23.57 1.30
CA THR A 174 -35.10 -24.19 0.39
C THR A 174 -34.76 -25.63 0.04
N ASN A 175 -33.53 -26.09 0.31
CA ASN A 175 -33.12 -27.47 0.08
C ASN A 175 -32.27 -27.92 1.27
N PRO A 176 -32.93 -28.21 2.43
CA PRO A 176 -32.19 -28.51 3.67
C PRO A 176 -31.07 -29.56 3.55
N ASP A 177 -30.82 -30.07 2.35
CA ASP A 177 -29.71 -30.97 2.10
C ASP A 177 -28.38 -30.30 2.36
N HIS A 178 -27.28 -31.03 2.15
CA HIS A 178 -25.95 -30.43 2.20
C HIS A 178 -25.68 -29.70 0.90
N GLY A 179 -24.42 -29.62 0.50
CA GLY A 179 -24.07 -28.81 -0.65
C GLY A 179 -24.19 -27.33 -0.33
N PHE A 180 -23.45 -26.50 -1.05
CA PHE A 180 -23.49 -25.07 -0.81
C PHE A 180 -24.66 -24.43 -1.53
N LEU A 181 -25.76 -25.19 -1.71
CA LEU A 181 -26.80 -24.84 -2.66
C LEU A 181 -28.20 -24.93 -2.06
N GLY A 182 -28.36 -24.66 -0.77
CA GLY A 182 -29.66 -24.83 -0.17
C GLY A 182 -30.35 -23.57 0.29
N VAL A 183 -29.76 -22.41 0.01
CA VAL A 183 -30.33 -21.12 0.40
C VAL A 183 -30.67 -20.34 -0.87
N SER A 184 -31.77 -19.62 -0.82
CA SER A 184 -32.21 -18.76 -1.89
C SER A 184 -32.52 -17.38 -1.33
N ALA A 185 -32.65 -16.41 -2.24
CA ALA A 185 -32.81 -15.01 -1.91
C ALA A 185 -34.19 -14.55 -2.39
N PHE A 186 -34.92 -13.85 -1.53
CA PHE A 186 -36.26 -13.38 -1.85
C PHE A 186 -36.40 -11.91 -1.49
N LEU A 187 -37.16 -11.17 -2.30
CA LEU A 187 -37.54 -9.81 -1.94
C LEU A 187 -38.94 -9.82 -1.34
N ILE A 188 -39.11 -9.16 -0.19
CA ILE A 188 -40.37 -9.18 0.54
C ILE A 188 -40.75 -7.76 0.95
N GLU A 189 -42.01 -7.38 0.70
CA GLU A 189 -42.44 -6.02 0.99
C GLU A 189 -42.79 -5.84 2.46
N LYS A 190 -42.51 -4.63 2.96
CA LYS A 190 -42.92 -4.25 4.30
C LYS A 190 -44.43 -4.25 4.42
N GLY A 191 -44.95 -4.88 5.45
CA GLY A 191 -46.38 -4.97 5.65
C GLY A 191 -46.98 -6.29 5.23
N THR A 192 -46.27 -7.07 4.41
CA THR A 192 -46.76 -8.38 4.02
C THR A 192 -47.13 -9.19 5.27
N PRO A 193 -48.20 -9.97 5.22
CA PRO A 193 -48.70 -10.64 6.43
C PRO A 193 -47.67 -11.60 7.01
N GLY A 194 -47.57 -11.61 8.34
CA GLY A 194 -46.62 -12.47 9.02
C GLY A 194 -45.27 -11.85 9.24
N LEU A 195 -44.97 -10.74 8.60
CA LEU A 195 -43.74 -10.01 8.83
C LEU A 195 -43.94 -9.04 10.00
N ASN A 196 -43.19 -9.22 11.07
CA ASN A 196 -43.23 -8.29 12.21
C ASN A 196 -41.83 -7.70 12.38
N VAL A 197 -41.71 -6.42 12.05
CA VAL A 197 -40.50 -5.64 12.29
C VAL A 197 -40.52 -5.16 13.74
N GLY A 198 -39.36 -5.17 14.39
CA GLY A 198 -39.27 -4.80 15.78
C GLY A 198 -38.80 -3.36 16.00
N GLU A 199 -38.90 -2.94 17.26
CA GLU A 199 -38.50 -1.60 17.66
C GLU A 199 -36.98 -1.54 17.88
N VAL A 200 -36.46 -0.33 18.00
CA VAL A 200 -35.02 -0.13 18.01
C VAL A 200 -34.49 -0.36 19.41
N ILE A 201 -33.35 -1.03 19.49
CA ILE A 201 -32.60 -1.25 20.73
C ILE A 201 -31.44 -0.27 20.73
N PRO A 202 -31.12 0.39 21.86
CA PRO A 202 -30.13 1.48 21.82
C PRO A 202 -28.80 1.07 21.18
N LYS A 203 -28.24 1.99 20.40
CA LYS A 203 -27.03 1.77 19.62
C LYS A 203 -26.01 2.87 19.91
N ASP A 204 -24.73 2.53 19.73
CA ASP A 204 -23.64 3.47 19.91
C ASP A 204 -22.63 3.35 18.77
N CYS A 205 -22.38 2.12 18.31
CA CYS A 205 -21.45 1.85 17.21
C CYS A 205 -22.20 2.07 15.89
N LEU A 206 -22.09 3.29 15.36
CA LEU A 206 -22.97 3.83 14.32
C LEU A 206 -24.36 4.07 14.92
N SER A 207 -24.41 4.95 15.92
CA SER A 207 -25.57 5.11 16.77
C SER A 207 -26.83 5.40 15.96
N ASN A 208 -26.82 6.48 15.18
CA ASN A 208 -28.01 6.93 14.48
C ASN A 208 -28.41 6.05 13.29
N CYS A 209 -27.70 4.94 13.05
CA CYS A 209 -28.05 4.02 11.99
C CYS A 209 -29.06 3.00 12.50
N PRO A 210 -30.31 3.00 12.01
CA PRO A 210 -31.34 2.13 12.59
C PRO A 210 -31.13 0.66 12.25
N TRP A 211 -31.40 -0.18 13.24
CA TRP A 211 -31.36 -1.63 13.11
C TRP A 211 -32.31 -2.24 14.13
N SER A 212 -32.74 -3.47 13.84
CA SER A 212 -33.69 -4.19 14.68
C SER A 212 -33.79 -5.62 14.14
N GLU A 213 -34.75 -6.37 14.65
CA GLU A 213 -34.97 -7.75 14.23
C GLU A 213 -36.34 -7.89 13.60
N ILE A 214 -36.43 -8.75 12.60
CA ILE A 214 -37.69 -9.05 11.92
C ILE A 214 -38.00 -10.52 12.13
N VAL A 215 -39.29 -10.84 12.23
CA VAL A 215 -39.73 -12.22 12.43
C VAL A 215 -40.73 -12.56 11.34
N PHE A 216 -40.51 -13.71 10.69
CA PHE A 216 -41.39 -14.24 9.66
C PHE A 216 -42.26 -15.34 10.28
N ASN A 217 -43.58 -15.14 10.26
CA ASN A 217 -44.57 -16.07 10.81
C ASN A 217 -45.50 -16.45 9.66
N ASP A 218 -45.14 -17.51 8.95
CA ASP A 218 -45.91 -18.05 7.83
C ASP A 218 -46.23 -16.95 6.81
N ILE A 219 -45.18 -16.34 6.28
CA ILE A 219 -45.29 -15.34 5.23
C ILE A 219 -45.35 -16.07 3.89
N PHE A 220 -46.29 -15.70 3.04
CA PHE A 220 -46.33 -16.25 1.69
C PHE A 220 -45.49 -15.39 0.76
N ILE A 221 -44.47 -15.99 0.14
CA ILE A 221 -43.63 -15.33 -0.83
C ILE A 221 -44.12 -15.73 -2.22
N PRO A 222 -44.67 -14.80 -3.02
CA PRO A 222 -44.98 -15.11 -4.42
C PRO A 222 -43.73 -15.62 -5.13
N GLN A 223 -43.97 -16.52 -6.10
CA GLN A 223 -42.86 -17.16 -6.80
C GLN A 223 -41.95 -16.14 -7.49
N SER A 224 -42.54 -15.06 -8.04
CA SER A 224 -41.76 -14.12 -8.85
C SER A 224 -40.81 -13.27 -8.02
N GLN A 225 -40.95 -13.27 -6.70
CA GLN A 225 -40.11 -12.49 -5.81
C GLN A 225 -38.87 -13.23 -5.34
N ARG A 226 -38.61 -14.42 -5.83
CA ARG A 226 -37.31 -15.03 -5.57
C ARG A 226 -36.28 -14.32 -6.43
N ILE A 227 -35.10 -14.07 -5.86
CA ILE A 227 -34.01 -13.42 -6.57
C ILE A 227 -33.07 -14.50 -7.08
N GLY A 228 -32.84 -14.51 -8.39
CA GLY A 228 -32.04 -15.55 -8.99
C GLY A 228 -32.74 -16.91 -8.93
N MET A 229 -32.00 -17.94 -9.34
CA MET A 229 -32.51 -19.29 -9.30
C MET A 229 -32.51 -19.85 -7.88
N GLU A 230 -33.18 -20.98 -7.69
CA GLU A 230 -33.15 -21.65 -6.40
C GLU A 230 -31.75 -22.11 -6.05
N GLY A 231 -31.43 -22.08 -4.77
CA GLY A 231 -30.11 -22.44 -4.29
C GLY A 231 -29.03 -21.41 -4.56
N ALA A 232 -29.26 -20.48 -5.50
CA ALA A 232 -28.27 -19.47 -5.85
C ALA A 232 -28.02 -18.49 -4.72
N GLY A 233 -28.84 -18.48 -3.68
CA GLY A 233 -28.70 -17.51 -2.61
C GLY A 233 -27.29 -17.42 -2.07
N GLY A 234 -26.66 -18.59 -1.85
CA GLY A 234 -25.32 -18.59 -1.29
C GLY A 234 -24.32 -17.83 -2.14
N ALA A 235 -24.44 -17.96 -3.47
CA ALA A 235 -23.59 -17.16 -4.35
C ALA A 235 -23.99 -15.69 -4.25
N ILE A 236 -25.30 -15.42 -4.31
CA ILE A 236 -25.82 -14.06 -4.23
C ILE A 236 -25.26 -13.38 -2.99
N PHE A 237 -25.48 -14.00 -1.83
CA PHE A 237 -24.98 -13.47 -0.57
C PHE A 237 -23.47 -13.21 -0.66
N HIS A 238 -22.73 -14.20 -1.14
CA HIS A 238 -21.29 -14.01 -1.25
C HIS A 238 -20.98 -12.73 -2.02
N ASP A 239 -21.58 -12.58 -3.20
CA ASP A 239 -21.35 -11.40 -4.01
C ASP A 239 -21.68 -10.12 -3.24
N SER A 240 -22.84 -10.10 -2.58
CA SER A 240 -23.22 -8.95 -1.78
C SER A 240 -22.05 -8.52 -0.91
N MET A 241 -21.54 -9.47 -0.11
CA MET A 241 -20.54 -9.11 0.89
C MET A 241 -19.29 -8.56 0.23
N ILE A 242 -18.90 -9.10 -0.92
CA ILE A 242 -17.74 -8.55 -1.60
C ILE A 242 -17.95 -7.06 -1.83
N TRP A 243 -19.05 -6.70 -2.50
CA TRP A 243 -19.37 -5.29 -2.75
C TRP A 243 -19.43 -4.51 -1.44
N GLU A 244 -20.05 -5.10 -0.42
CA GLU A 244 -20.10 -4.45 0.88
C GLU A 244 -18.68 -4.20 1.41
N LYS A 245 -17.84 -5.23 1.39
CA LYS A 245 -16.47 -5.07 1.87
C LYS A 245 -15.78 -3.89 1.19
N GLY A 246 -15.98 -3.72 -0.12
CA GLY A 246 -15.28 -2.65 -0.82
C GLY A 246 -15.79 -1.29 -0.41
N CYS A 247 -17.13 -1.15 -0.36
CA CYS A 247 -17.76 0.13 -0.10
C CYS A 247 -17.46 0.62 1.31
N LEU A 248 -17.65 -0.26 2.29
CA LEU A 248 -17.29 0.11 3.64
C LEU A 248 -15.82 0.47 3.74
N SER A 249 -14.95 -0.25 3.01
CA SER A 249 -13.55 0.13 3.05
C SER A 249 -13.38 1.55 2.53
N ALA A 250 -14.03 1.85 1.41
CA ALA A 250 -13.99 3.20 0.89
C ALA A 250 -14.46 4.19 1.93
N LEU A 251 -15.56 3.87 2.61
CA LEU A 251 -16.10 4.82 3.57
C LEU A 251 -15.03 5.12 4.62
N PHE A 252 -14.35 4.07 5.09
CA PHE A 252 -13.40 4.26 6.17
C PHE A 252 -12.14 4.92 5.66
N VAL A 253 -11.76 4.62 4.41
CA VAL A 253 -10.64 5.35 3.83
C VAL A 253 -10.96 6.84 3.88
N GLY A 254 -12.20 7.18 3.50
CA GLY A 254 -12.62 8.57 3.55
C GLY A 254 -12.55 9.15 4.95
N GLY A 255 -13.06 8.41 5.94
CA GLY A 255 -12.98 8.88 7.30
C GLY A 255 -11.54 9.10 7.73
N LEU A 256 -10.65 8.17 7.36
CA LEU A 256 -9.25 8.37 7.70
C LEU A 256 -8.73 9.66 7.07
N ALA A 257 -9.09 9.92 5.81
CA ALA A 257 -8.65 11.16 5.21
C ALA A 257 -9.15 12.34 6.03
N ARG A 258 -10.43 12.31 6.42
CA ARG A 258 -10.96 13.39 7.25
C ARG A 258 -10.17 13.49 8.54
N LEU A 259 -9.98 12.36 9.21
CA LEU A 259 -9.29 12.38 10.50
C LEU A 259 -7.90 12.97 10.35
N LEU A 260 -7.24 12.73 9.20
CA LEU A 260 -5.89 13.23 9.06
C LEU A 260 -5.91 14.75 8.94
N GLU A 261 -6.81 15.26 8.11
CA GLU A 261 -6.86 16.71 7.90
C GLU A 261 -7.18 17.44 9.21
N THR A 262 -8.22 17.00 9.91
CA THR A 262 -8.49 17.53 11.24
C THR A 262 -7.24 17.48 12.11
N THR A 263 -6.62 16.30 12.23
CA THR A 263 -5.46 16.21 13.12
C THR A 263 -4.35 17.14 12.63
N LEU A 264 -4.18 17.29 11.32
CA LEU A 264 -3.17 18.22 10.85
C LEU A 264 -3.50 19.64 11.29
N GLU A 265 -4.75 20.06 11.11
CA GLU A 265 -5.14 21.42 11.51
C GLU A 265 -4.90 21.63 12.99
N TYR A 266 -5.48 20.77 13.82
CA TYR A 266 -5.28 20.90 15.24
C TYR A 266 -3.82 20.94 15.60
N ALA A 267 -2.95 20.35 14.79
CA ALA A 267 -1.54 20.33 15.12
C ALA A 267 -0.80 21.57 14.65
N LYS A 268 -1.23 22.16 13.53
CA LYS A 268 -0.54 23.36 13.08
C LYS A 268 -0.89 24.57 13.94
N ALA A 269 -2.03 24.54 14.62
CA ALA A 269 -2.52 25.68 15.37
C ALA A 269 -2.21 25.61 16.85
N ARG A 270 -2.62 24.53 17.52
CA ARG A 270 -2.49 24.39 18.97
C ARG A 270 -1.07 24.70 19.41
N GLN A 271 -0.89 25.80 20.13
CA GLN A 271 0.42 26.25 20.60
C GLN A 271 0.58 25.90 22.07
N GLN A 272 1.65 25.17 22.38
CA GLN A 272 2.02 24.78 23.73
C GLN A 272 3.54 24.76 23.79
N PHE A 273 4.08 25.32 24.86
CA PHE A 273 5.52 25.59 25.01
C PHE A 273 6.01 26.64 24.03
N GLY A 274 5.12 27.46 23.48
CA GLY A 274 5.51 28.53 22.59
C GLY A 274 5.55 28.18 21.11
N LYS A 275 5.02 27.04 20.72
CA LYS A 275 5.09 26.59 19.34
C LYS A 275 3.91 25.67 19.07
N ALA A 276 3.57 25.52 17.78
CA ALA A 276 2.53 24.57 17.42
C ALA A 276 2.94 23.17 17.84
N ILE A 277 2.04 22.44 18.50
CA ILE A 277 2.39 21.15 19.09
C ILE A 277 2.74 20.09 18.05
N GLY A 278 2.51 20.36 16.77
CA GLY A 278 2.95 19.47 15.71
C GLY A 278 4.45 19.40 15.54
N GLN A 279 5.18 20.34 16.13
CA GLN A 279 6.63 20.25 16.18
C GLN A 279 7.11 19.31 17.29
N PHE A 280 6.22 18.85 18.17
CA PHE A 280 6.55 17.87 19.19
C PHE A 280 6.49 16.47 18.56
N GLN A 281 7.61 15.74 18.60
CA GLN A 281 7.76 14.55 17.75
C GLN A 281 6.74 13.46 18.08
N SER A 282 6.07 13.53 19.23
CA SER A 282 5.01 12.58 19.53
C SER A 282 3.80 12.79 18.61
N VAL A 283 3.29 14.01 18.58
CA VAL A 283 2.12 14.30 17.74
C VAL A 283 2.47 14.15 16.26
N SER A 284 3.66 14.62 15.87
CA SER A 284 4.05 14.52 14.46
C SER A 284 4.28 13.07 14.06
N ASN A 285 4.82 12.25 14.96
CA ASN A 285 4.97 10.85 14.59
C ASN A 285 3.61 10.18 14.43
N ARG A 286 2.65 10.58 15.26
CA ARG A 286 1.29 10.04 15.10
C ARG A 286 0.67 10.48 13.78
N ILE A 287 0.93 11.72 13.36
CA ILE A 287 0.41 12.19 12.08
C ILE A 287 1.07 11.48 10.90
N ILE A 288 2.39 11.31 10.97
CA ILE A 288 3.12 10.61 9.93
C ILE A 288 2.62 9.17 9.79
N ASP A 289 2.37 8.49 10.92
CA ASP A 289 1.74 7.18 10.85
C ASP A 289 0.39 7.25 10.15
N MET A 290 -0.47 8.23 10.53
CA MET A 290 -1.77 8.34 9.88
C MET A 290 -1.61 8.45 8.35
N LYS A 291 -0.68 9.30 7.90
CA LYS A 291 -0.45 9.52 6.48
C LYS A 291 0.04 8.24 5.78
N LEU A 292 1.00 7.54 6.39
CA LEU A 292 1.51 6.30 5.84
C LEU A 292 0.38 5.27 5.68
N ARG A 293 -0.42 5.10 6.74
CA ARG A 293 -1.53 4.16 6.71
C ARG A 293 -2.51 4.54 5.61
N LEU A 294 -2.89 5.82 5.57
CA LEU A 294 -3.90 6.27 4.62
C LEU A 294 -3.46 5.97 3.19
N GLU A 295 -2.23 6.34 2.85
CA GLU A 295 -1.76 6.12 1.48
C GLU A 295 -1.66 4.63 1.14
N GLN A 296 -1.12 3.82 2.06
CA GLN A 296 -0.97 2.39 1.75
C GLN A 296 -2.31 1.73 1.52
N CYS A 297 -3.25 1.90 2.44
CA CYS A 297 -4.46 1.16 2.27
C CYS A 297 -5.37 1.79 1.21
N ARG A 298 -5.27 3.09 0.99
CA ARG A 298 -5.93 3.70 -0.15
C ARG A 298 -5.51 3.01 -1.45
N LEU A 299 -4.19 2.86 -1.67
CA LEU A 299 -3.75 2.22 -2.91
C LEU A 299 -4.17 0.75 -2.97
N MET A 300 -4.14 0.04 -1.85
CA MET A 300 -4.59 -1.36 -1.87
C MET A 300 -6.06 -1.44 -2.31
N LEU A 301 -6.89 -0.51 -1.83
CA LEU A 301 -8.30 -0.53 -2.16
C LEU A 301 -8.53 -0.18 -3.63
N TYR A 302 -7.89 0.87 -4.11
CA TYR A 302 -8.07 1.23 -5.51
C TYR A 302 -7.67 0.09 -6.41
N ARG A 303 -6.58 -0.62 -6.07
CA ARG A 303 -6.13 -1.68 -6.96
C ARG A 303 -7.09 -2.85 -6.92
N ALA A 304 -7.58 -3.24 -5.75
CA ALA A 304 -8.61 -4.27 -5.73
C ALA A 304 -9.80 -3.86 -6.61
N CYS A 305 -10.29 -2.62 -6.45
CA CYS A 305 -11.44 -2.20 -7.25
C CYS A 305 -11.12 -2.20 -8.73
N TRP A 306 -9.94 -1.70 -9.09
CA TRP A 306 -9.54 -1.68 -10.49
C TRP A 306 -9.44 -3.09 -11.06
N LYS A 307 -8.86 -4.03 -10.30
CA LYS A 307 -8.78 -5.42 -10.73
C LYS A 307 -10.16 -5.97 -11.06
N HIS A 308 -11.13 -5.72 -10.16
CA HIS A 308 -12.50 -6.16 -10.44
C HIS A 308 -13.02 -5.56 -11.73
N ASP A 309 -12.82 -4.26 -11.93
CA ASP A 309 -13.21 -3.62 -13.18
C ASP A 309 -12.49 -4.22 -14.41
N GLN A 310 -11.33 -4.86 -14.25
CA GLN A 310 -10.69 -5.54 -15.38
C GLN A 310 -11.27 -6.91 -15.67
N GLY A 311 -12.15 -7.43 -14.83
CA GLY A 311 -12.56 -8.80 -14.94
C GLY A 311 -11.67 -9.78 -14.21
N GLN A 312 -10.58 -9.32 -13.63
CA GLN A 312 -9.72 -10.21 -12.83
C GLN A 312 -10.44 -10.60 -11.54
N ASP A 313 -9.92 -11.63 -10.87
CA ASP A 313 -10.48 -12.07 -9.60
C ASP A 313 -9.88 -11.26 -8.47
N ALA A 314 -10.73 -10.51 -7.76
CA ALA A 314 -10.30 -9.49 -6.83
C ALA A 314 -10.53 -9.86 -5.37
N GLU A 315 -10.99 -11.09 -5.10
CA GLU A 315 -11.48 -11.41 -3.77
C GLU A 315 -10.39 -11.31 -2.71
N ALA A 316 -9.18 -11.77 -3.02
CA ALA A 316 -8.10 -11.69 -2.05
C ALA A 316 -7.60 -10.25 -1.90
N ASP A 317 -7.58 -9.48 -2.99
CA ASP A 317 -7.20 -8.08 -2.89
C ASP A 317 -8.19 -7.29 -2.04
N ILE A 318 -9.47 -7.60 -2.18
CA ILE A 318 -10.48 -6.92 -1.37
C ILE A 318 -10.35 -7.35 0.08
N ALA A 319 -10.05 -8.62 0.31
CA ALA A 319 -9.80 -9.07 1.68
C ALA A 319 -8.63 -8.32 2.30
N MET A 320 -7.54 -8.18 1.56
CA MET A 320 -6.39 -7.42 2.05
C MET A 320 -6.77 -5.96 2.33
N SER A 321 -7.57 -5.36 1.47
CA SER A 321 -7.99 -3.98 1.70
C SER A 321 -8.78 -3.86 2.99
N LYS A 322 -9.76 -4.74 3.17
CA LYS A 322 -10.58 -4.65 4.37
C LYS A 322 -9.73 -4.87 5.62
N LEU A 323 -8.83 -5.85 5.57
CA LEU A 323 -7.95 -6.13 6.70
C LEU A 323 -7.14 -4.89 7.09
N LEU A 324 -6.43 -4.33 6.12
CA LEU A 324 -5.59 -3.18 6.36
C LEU A 324 -6.39 -2.00 6.87
N ILE A 325 -7.56 -1.74 6.28
CA ILE A 325 -8.32 -0.54 6.62
C ILE A 325 -8.93 -0.66 8.01
N SER A 326 -9.46 -1.83 8.35
CA SER A 326 -9.92 -2.07 9.70
C SER A 326 -8.82 -1.73 10.70
N GLU A 327 -7.66 -2.36 10.53
CA GLU A 327 -6.59 -2.19 11.51
C GLU A 327 -6.18 -0.72 11.58
N TYR A 328 -5.91 -0.12 10.43
CA TYR A 328 -5.38 1.24 10.41
C TYR A 328 -6.38 2.23 10.97
N ALA A 329 -7.66 2.06 10.67
CA ALA A 329 -8.66 3.00 11.18
C ALA A 329 -8.72 2.94 12.70
N VAL A 330 -8.73 1.73 13.27
CA VAL A 330 -8.69 1.63 14.72
C VAL A 330 -7.43 2.30 15.28
N GLN A 331 -6.27 1.97 14.73
CA GLN A 331 -5.03 2.52 15.25
C GLN A 331 -5.00 4.05 15.15
N SER A 332 -5.40 4.59 14.00
CA SER A 332 -5.33 6.04 13.82
C SER A 332 -6.32 6.74 14.70
N GLY A 333 -7.50 6.14 14.93
CA GLY A 333 -8.42 6.71 15.88
C GLY A 333 -7.84 6.77 17.29
N LEU A 334 -7.15 5.70 17.70
CA LEU A 334 -6.46 5.75 18.99
C LEU A 334 -5.42 6.87 19.01
N ASP A 335 -4.52 6.89 18.03
CA ASP A 335 -3.54 7.97 17.93
C ASP A 335 -4.21 9.33 17.97
N ALA A 336 -5.41 9.45 17.42
CA ALA A 336 -6.09 10.73 17.42
C ALA A 336 -6.57 11.09 18.81
N ILE A 337 -7.11 10.12 19.55
CA ILE A 337 -7.47 10.36 20.95
C ILE A 337 -6.23 10.75 21.75
N GLN A 338 -5.11 10.09 21.48
CA GLN A 338 -3.89 10.37 22.20
C GLN A 338 -3.42 11.79 21.96
N THR A 339 -3.58 12.28 20.72
CA THR A 339 -3.15 13.62 20.35
C THR A 339 -4.10 14.68 20.90
N PHE A 340 -5.41 14.41 20.91
CA PHE A 340 -6.33 15.42 21.43
C PHE A 340 -6.31 15.51 22.95
N GLY A 341 -6.14 14.37 23.63
CA GLY A 341 -6.08 14.41 25.08
C GLY A 341 -7.46 14.48 25.69
N GLY A 342 -7.77 15.57 26.39
CA GLY A 342 -9.06 15.79 26.99
C GLY A 342 -10.09 16.49 26.13
N ALA A 343 -9.74 16.89 24.92
CA ALA A 343 -10.70 17.41 23.96
C ALA A 343 -11.21 16.33 23.01
N ALA A 344 -10.75 15.09 23.15
CA ALA A 344 -11.15 14.02 22.24
C ALA A 344 -12.54 13.51 22.54
N MET A 345 -12.93 13.46 23.81
CA MET A 345 -14.28 13.05 24.20
C MET A 345 -15.30 14.15 23.99
N ASP A 346 -14.95 15.11 23.14
CA ASP A 346 -15.85 16.20 22.75
C ASP A 346 -16.91 15.62 21.80
N GLN A 347 -18.16 15.52 22.29
CA GLN A 347 -19.23 14.93 21.50
C GLN A 347 -19.47 15.68 20.20
N GLU A 348 -19.31 17.01 20.20
CA GLU A 348 -19.41 17.78 18.96
C GLU A 348 -18.18 17.57 18.07
N LEU A 349 -17.00 17.39 18.66
CA LEU A 349 -15.82 17.05 17.88
C LEU A 349 -15.94 15.66 17.27
N GLY A 350 -16.65 14.77 17.95
CA GLY A 350 -17.07 13.51 17.37
C GLY A 350 -15.97 12.52 17.12
N LEU A 351 -14.86 12.61 17.83
CA LEU A 351 -13.81 11.62 17.61
C LEU A 351 -14.12 10.29 18.28
N VAL A 352 -14.53 10.33 19.56
CA VAL A 352 -14.82 9.09 20.27
C VAL A 352 -15.98 8.36 19.59
N ARG A 353 -16.99 9.11 19.16
CA ARG A 353 -18.04 8.50 18.37
C ARG A 353 -17.52 8.08 17.00
N HIS A 354 -16.54 8.78 16.44
CA HIS A 354 -15.93 8.32 15.20
C HIS A 354 -15.37 6.91 15.34
N LEU A 355 -14.56 6.69 16.37
CA LEU A 355 -14.01 5.36 16.59
C LEU A 355 -15.09 4.35 16.95
N LEU A 356 -16.10 4.77 17.72
CA LEU A 356 -17.24 3.90 17.99
C LEU A 356 -17.86 3.41 16.69
N ASN A 357 -18.06 4.32 15.74
CA ASN A 357 -18.66 3.97 14.46
C ASN A 357 -17.72 3.14 13.60
N MET A 358 -16.41 3.27 13.82
CA MET A 358 -15.44 2.42 13.14
C MET A 358 -15.34 1.03 13.76
N ILE A 359 -15.89 0.83 14.96
CA ILE A 359 -15.86 -0.48 15.61
C ILE A 359 -16.50 -1.59 14.76
N PRO A 360 -17.73 -1.42 14.17
CA PRO A 360 -18.34 -2.55 13.44
C PRO A 360 -17.73 -2.91 12.09
N SER A 361 -16.52 -2.41 11.78
CA SER A 361 -15.89 -2.81 10.52
C SER A 361 -15.43 -4.26 10.57
N ARG A 362 -14.82 -4.66 11.68
CA ARG A 362 -14.55 -6.05 11.99
C ARG A 362 -15.74 -6.75 12.63
N ILE A 363 -16.93 -6.14 12.54
CA ILE A 363 -18.18 -6.70 13.07
C ILE A 363 -19.30 -6.56 12.04
N PHE A 364 -19.07 -7.01 10.80
CA PHE A 364 -20.17 -7.00 9.83
C PHE A 364 -20.03 -8.03 8.71
N SER A 365 -19.04 -7.87 7.83
CA SER A 365 -18.84 -8.76 6.69
C SER A 365 -17.56 -9.56 6.86
N GLY A 366 -17.33 -10.03 8.07
CA GLY A 366 -16.11 -10.71 8.42
C GLY A 366 -15.24 -10.00 9.44
N THR A 367 -14.90 -10.73 10.50
CA THR A 367 -13.76 -10.35 11.31
C THR A 367 -12.50 -10.43 10.47
N ASN A 368 -11.40 -10.06 11.07
CA ASN A 368 -10.14 -10.09 10.37
C ASN A 368 -9.67 -11.52 10.08
N ASP A 369 -10.08 -12.49 10.91
CA ASP A 369 -9.67 -13.88 10.69
C ASP A 369 -10.23 -14.44 9.38
N ILE A 370 -11.44 -14.02 9.02
CA ILE A 370 -12.03 -14.44 7.75
C ILE A 370 -11.19 -13.93 6.58
N GLN A 371 -10.75 -12.67 6.67
CA GLN A 371 -9.92 -12.12 5.60
C GLN A 371 -8.59 -12.85 5.51
N LYS A 372 -7.98 -13.12 6.66
CA LYS A 372 -6.74 -13.91 6.65
C LYS A 372 -6.97 -15.26 6.01
N GLU A 373 -8.11 -15.90 6.26
CA GLU A 373 -8.37 -17.20 5.65
C GLU A 373 -8.55 -17.09 4.14
N ILE A 374 -9.25 -16.05 3.68
CA ILE A 374 -9.38 -15.86 2.24
C ILE A 374 -8.00 -15.73 1.61
N ILE A 375 -7.14 -14.91 2.21
CA ILE A 375 -5.79 -14.67 1.68
C ILE A 375 -4.96 -15.94 1.73
N ALA A 376 -5.00 -16.66 2.85
CA ALA A 376 -4.21 -17.88 2.97
C ALA A 376 -4.61 -18.89 1.91
N ARG A 377 -5.92 -19.06 1.72
CA ARG A 377 -6.39 -19.98 0.69
C ARG A 377 -5.93 -19.52 -0.69
N LYS A 378 -6.09 -18.24 -1.00
CA LYS A 378 -5.67 -17.75 -2.31
C LYS A 378 -4.16 -17.93 -2.50
N LEU A 379 -3.40 -17.98 -1.41
CA LEU A 379 -1.96 -18.17 -1.49
C LEU A 379 -1.58 -19.64 -1.64
N GLY A 380 -2.52 -20.55 -1.48
CA GLY A 380 -2.21 -21.97 -1.58
C GLY A 380 -1.85 -22.63 -0.28
N LEU A 381 -2.37 -22.15 0.85
CA LEU A 381 -2.02 -22.66 2.16
C LEU A 381 -3.10 -23.57 2.71
N ARG A 382 -3.98 -24.05 1.83
CA ARG A 382 -5.03 -25.00 2.16
C ARG A 382 -5.83 -25.33 0.91
N MET B 1 -6.11 5.88 -13.72
CA MET B 1 -5.64 4.89 -12.75
C MET B 1 -5.54 3.51 -13.37
N ASP B 2 -4.37 2.90 -13.28
CA ASP B 2 -4.09 1.63 -13.92
C ASP B 2 -3.01 0.92 -13.10
N PHE B 3 -3.18 -0.36 -12.83
CA PHE B 3 -2.26 -1.04 -11.94
C PHE B 3 -1.53 -2.17 -12.62
N ASN B 4 -1.52 -2.20 -13.95
CA ASN B 4 -0.73 -3.16 -14.69
C ASN B 4 0.55 -2.52 -15.22
N LEU B 5 1.60 -3.33 -15.31
CA LEU B 5 2.77 -2.92 -16.06
C LEU B 5 2.39 -2.79 -17.53
N SER B 6 2.76 -1.66 -18.14
CA SER B 6 2.79 -1.57 -19.59
C SER B 6 3.64 -2.71 -20.18
N ASN B 7 3.45 -3.01 -21.47
CA ASN B 7 4.21 -4.10 -22.07
C ASN B 7 5.71 -3.83 -22.03
N SER B 8 6.10 -2.56 -22.23
CA SER B 8 7.51 -2.19 -22.13
C SER B 8 8.06 -2.43 -20.74
N GLN B 9 7.30 -2.05 -19.72
CA GLN B 9 7.76 -2.25 -18.35
C GLN B 9 7.85 -3.74 -18.02
N SER B 10 6.87 -4.53 -18.46
CA SER B 10 6.97 -5.97 -18.23
C SER B 10 8.19 -6.54 -18.92
N ASP B 11 8.50 -6.01 -20.11
CA ASP B 11 9.67 -6.50 -20.82
C ASP B 11 10.93 -6.17 -20.06
N ILE B 12 11.05 -4.93 -19.58
CA ILE B 12 12.21 -4.56 -18.77
C ILE B 12 12.30 -5.46 -17.54
N TYR B 13 11.20 -5.63 -16.81
CA TYR B 13 11.22 -6.45 -15.59
C TYR B 13 11.61 -7.91 -15.90
N GLU B 14 10.99 -8.51 -16.91
CA GLU B 14 11.21 -9.93 -17.17
C GLU B 14 12.60 -10.22 -17.72
N SER B 15 13.09 -9.38 -18.65
CA SER B 15 14.47 -9.55 -19.09
C SER B 15 15.46 -9.43 -17.93
N ALA B 16 15.29 -8.40 -17.07
CA ALA B 16 16.21 -8.25 -15.94
C ALA B 16 16.10 -9.44 -15.00
N TYR B 17 14.90 -9.97 -14.82
CA TYR B 17 14.75 -11.07 -13.88
C TYR B 17 15.40 -12.33 -14.42
N ARG B 18 15.24 -12.59 -15.73
CA ARG B 18 15.95 -13.69 -16.37
C ARG B 18 17.45 -13.52 -16.21
N PHE B 19 17.98 -12.31 -16.47
CA PHE B 19 19.42 -12.13 -16.32
C PHE B 19 19.87 -12.43 -14.89
N ALA B 20 19.17 -11.88 -13.89
CA ALA B 20 19.55 -12.11 -12.49
C ALA B 20 19.45 -13.59 -12.13
N CYS B 21 18.43 -14.28 -12.65
CA CYS B 21 18.28 -15.70 -12.34
C CYS B 21 19.35 -16.54 -13.02
N ASP B 22 19.52 -16.38 -14.35
CA ASP B 22 20.33 -17.29 -15.15
C ASP B 22 21.81 -16.97 -15.11
N VAL B 23 22.20 -15.73 -14.89
CA VAL B 23 23.60 -15.34 -14.96
C VAL B 23 24.19 -15.10 -13.59
N LEU B 24 23.52 -14.26 -12.78
CA LEU B 24 24.08 -13.86 -11.49
C LEU B 24 23.81 -14.88 -10.41
N ASP B 25 22.64 -15.50 -10.42
CA ASP B 25 22.30 -16.35 -9.28
C ASP B 25 22.92 -17.73 -9.38
N GLN B 26 23.42 -18.12 -10.57
CA GLN B 26 23.84 -19.49 -10.85
C GLN B 26 24.73 -20.08 -9.76
N ASP B 27 25.85 -19.44 -9.47
CA ASP B 27 26.74 -19.92 -8.42
C ASP B 27 26.82 -18.95 -7.27
N ALA B 28 25.75 -18.18 -7.04
CA ALA B 28 25.78 -17.17 -6.01
C ALA B 28 26.14 -17.77 -4.65
N GLN B 29 25.53 -18.91 -4.32
CA GLN B 29 25.87 -19.66 -3.11
C GLN B 29 27.37 -19.68 -2.84
N THR B 30 28.14 -20.10 -3.85
CA THR B 30 29.57 -20.30 -3.66
C THR B 30 30.30 -18.98 -3.46
N ARG B 31 30.11 -18.03 -4.38
CA ARG B 31 30.77 -16.74 -4.26
C ARG B 31 30.43 -16.09 -2.92
N ILE B 32 29.21 -16.28 -2.46
CA ILE B 32 28.80 -15.69 -1.19
C ILE B 32 29.54 -16.35 -0.04
N SER B 33 29.49 -17.67 0.04
CA SER B 33 30.18 -18.38 1.11
C SER B 33 31.66 -18.00 1.15
N GLN B 34 32.28 -17.83 -0.02
CA GLN B 34 33.69 -17.49 -0.12
C GLN B 34 33.94 -15.98 -0.13
N LYS B 35 32.93 -15.18 0.19
CA LYS B 35 33.01 -13.72 0.19
C LYS B 35 33.73 -13.17 -1.05
N ILE B 36 33.29 -13.63 -2.24
CA ILE B 36 33.83 -13.25 -3.53
C ILE B 36 32.90 -12.25 -4.19
N LEU B 37 33.41 -11.08 -4.55
CA LEU B 37 32.74 -10.19 -5.48
C LEU B 37 33.33 -10.44 -6.86
N SER B 38 32.54 -11.03 -7.75
CA SER B 38 33.01 -11.34 -9.09
C SER B 38 32.97 -10.10 -9.97
N THR B 39 34.14 -9.50 -10.24
CA THR B 39 34.16 -8.39 -11.19
C THR B 39 33.65 -8.82 -12.58
N GLU B 40 33.83 -10.09 -12.94
CA GLU B 40 33.34 -10.58 -14.22
C GLU B 40 31.83 -10.44 -14.33
N LEU B 41 31.10 -11.01 -13.36
CA LEU B 41 29.65 -10.91 -13.38
C LEU B 41 29.20 -9.48 -13.16
N TRP B 42 29.92 -8.74 -12.31
CA TRP B 42 29.63 -7.32 -12.10
C TRP B 42 29.62 -6.59 -13.44
N LYS B 43 30.63 -6.82 -14.27
CA LYS B 43 30.68 -6.07 -15.54
C LYS B 43 29.65 -6.59 -16.52
N LYS B 44 29.40 -7.90 -16.53
CA LYS B 44 28.31 -8.44 -17.37
C LYS B 44 26.99 -7.76 -17.01
N ALA B 45 26.74 -7.61 -15.70
CA ALA B 45 25.49 -7.00 -15.26
C ALA B 45 25.44 -5.52 -15.63
N ALA B 46 26.55 -4.81 -15.45
CA ALA B 46 26.59 -3.40 -15.80
C ALA B 46 26.34 -3.19 -17.28
N ALA B 47 26.99 -4.01 -18.13
CA ALA B 47 26.81 -3.87 -19.56
C ALA B 47 25.42 -4.29 -19.99
N TYR B 48 24.80 -5.20 -19.24
CA TYR B 48 23.44 -5.60 -19.58
C TYR B 48 22.49 -4.43 -19.50
N GLY B 49 22.73 -3.51 -18.57
CA GLY B 49 21.84 -2.39 -18.41
C GLY B 49 21.67 -1.90 -16.97
N PHE B 50 22.12 -2.69 -16.00
CA PHE B 50 21.96 -2.29 -14.60
C PHE B 50 22.76 -1.04 -14.24
N ALA B 51 23.70 -0.61 -15.09
CA ALA B 51 24.44 0.63 -14.82
C ALA B 51 23.93 1.81 -15.63
N HIS B 52 22.78 1.68 -16.29
CA HIS B 52 22.32 2.71 -17.24
C HIS B 52 21.46 3.77 -16.59
N GLY B 53 20.46 3.35 -15.82
CA GLY B 53 19.48 4.25 -15.28
C GLY B 53 18.92 5.15 -16.35
N PRO B 54 18.89 6.45 -16.07
CA PRO B 54 18.32 7.43 -17.01
C PRO B 54 19.30 7.96 -18.04
N VAL B 55 20.56 7.50 -18.04
CA VAL B 55 21.55 7.98 -18.99
C VAL B 55 21.05 7.75 -20.42
N SER B 56 21.26 8.74 -21.28
CA SER B 56 20.79 8.70 -22.65
C SER B 56 21.59 7.72 -23.51
N HIS B 57 21.01 7.39 -24.66
CA HIS B 57 21.61 6.48 -25.65
C HIS B 57 22.95 6.99 -26.14
N GLN B 58 23.15 8.30 -26.08
CA GLN B 58 24.39 8.87 -26.56
C GLN B 58 25.57 8.36 -25.75
N PHE B 59 25.34 7.97 -24.50
CA PHE B 59 26.41 7.44 -23.64
C PHE B 59 26.25 5.95 -23.37
N GLY B 60 25.45 5.25 -24.17
CA GLY B 60 25.27 3.82 -24.01
C GLY B 60 24.15 3.45 -23.06
N GLY B 61 23.42 4.41 -22.52
CA GLY B 61 22.27 4.10 -21.70
C GLY B 61 21.07 3.79 -22.54
N SER B 62 19.97 3.46 -21.85
CA SER B 62 18.72 3.11 -22.51
C SER B 62 17.66 4.18 -22.30
N GLU B 63 18.04 5.32 -21.71
CA GLU B 63 17.12 6.42 -21.39
C GLU B 63 15.89 5.93 -20.60
N LEU B 64 16.15 5.14 -19.56
CA LEU B 64 15.08 4.68 -18.69
C LEU B 64 14.57 5.79 -17.78
N GLY B 65 13.32 5.64 -17.37
CA GLY B 65 12.76 6.50 -16.34
C GLY B 65 12.94 5.91 -14.95
N ALA B 66 12.39 6.61 -13.97
CA ALA B 66 12.51 6.16 -12.59
C ALA B 66 11.78 4.84 -12.38
N LEU B 67 10.53 4.74 -12.84
CA LEU B 67 9.79 3.49 -12.65
C LEU B 67 10.49 2.34 -13.39
N ASP B 68 11.05 2.62 -14.58
CA ASP B 68 11.78 1.59 -15.31
C ASP B 68 12.98 1.08 -14.52
N THR B 69 13.78 2.03 -14.01
CA THR B 69 14.94 1.64 -13.22
C THR B 69 14.54 0.81 -12.01
N ALA B 70 13.50 1.27 -11.30
CA ALA B 70 13.05 0.56 -10.11
C ALA B 70 12.63 -0.85 -10.46
N LEU B 71 11.96 -1.03 -11.61
CA LEU B 71 11.60 -2.38 -12.06
C LEU B 71 12.82 -3.25 -12.36
N MET B 72 13.86 -2.68 -12.99
CA MET B 72 15.09 -3.46 -13.18
C MET B 72 15.67 -3.88 -11.85
N ILE B 73 15.81 -2.92 -10.92
CA ILE B 73 16.48 -3.29 -9.67
C ILE B 73 15.59 -4.19 -8.81
N GLU B 74 14.27 -4.08 -8.94
CA GLU B 74 13.40 -5.03 -8.26
C GLU B 74 13.63 -6.45 -8.77
N ALA B 75 13.59 -6.64 -10.10
CA ALA B 75 13.93 -7.97 -10.65
C ALA B 75 15.28 -8.45 -10.14
N LEU B 76 16.27 -7.56 -10.11
CA LEU B 76 17.59 -7.92 -9.60
C LEU B 76 17.51 -8.42 -8.15
N GLY B 77 16.77 -7.71 -7.29
CA GLY B 77 16.66 -8.13 -5.91
C GLY B 77 15.92 -9.44 -5.75
N LYS B 78 14.98 -9.73 -6.66
CA LYS B 78 14.25 -10.99 -6.54
C LYS B 78 15.02 -12.17 -7.10
N GLY B 79 15.76 -11.97 -8.18
CA GLY B 79 16.31 -13.07 -8.93
C GLY B 79 17.69 -13.54 -8.49
N SER B 80 18.42 -12.72 -7.75
CA SER B 80 19.79 -13.06 -7.42
C SER B 80 20.00 -13.01 -5.91
N ARG B 81 20.50 -14.10 -5.34
CA ARG B 81 20.88 -14.12 -3.93
C ARG B 81 22.13 -13.32 -3.64
N ASP B 82 22.88 -12.94 -4.67
CA ASP B 82 24.16 -12.26 -4.48
C ASP B 82 23.89 -10.78 -4.27
N ILE B 83 23.35 -10.47 -3.09
CA ILE B 83 22.87 -9.12 -2.86
C ILE B 83 24.05 -8.15 -2.70
N GLY B 84 25.21 -8.62 -2.28
CA GLY B 84 26.35 -7.71 -2.15
C GLY B 84 26.79 -7.16 -3.50
N LEU B 85 26.79 -8.03 -4.54
CA LEU B 85 27.02 -7.58 -5.90
C LEU B 85 25.96 -6.57 -6.36
N SER B 86 24.69 -6.85 -6.05
CA SER B 86 23.61 -5.93 -6.40
C SER B 86 23.80 -4.55 -5.77
N PHE B 87 24.23 -4.52 -4.51
CA PHE B 87 24.48 -3.25 -3.82
C PHE B 87 25.65 -2.51 -4.45
N SER B 88 26.75 -3.21 -4.77
CA SER B 88 27.86 -2.57 -5.48
C SER B 88 27.38 -1.90 -6.77
N LEU B 89 26.56 -2.62 -7.54
CA LEU B 89 26.01 -2.06 -8.78
C LEU B 89 25.20 -0.81 -8.51
N CYS B 90 24.29 -0.87 -7.54
CA CYS B 90 23.43 0.28 -7.27
C CYS B 90 24.27 1.49 -6.89
N ALA B 91 25.28 1.28 -6.04
CA ALA B 91 26.14 2.39 -5.62
C ALA B 91 26.86 3.00 -6.82
N HIS B 92 27.48 2.15 -7.64
CA HIS B 92 28.14 2.65 -8.85
C HIS B 92 27.17 3.49 -9.68
N LEU B 93 25.92 3.04 -9.81
CA LEU B 93 24.94 3.73 -10.64
C LEU B 93 24.51 5.07 -10.04
N CYS B 94 24.13 5.07 -8.76
CA CYS B 94 23.52 6.23 -8.12
C CYS B 94 24.53 7.24 -7.62
N ALA B 95 25.67 6.80 -7.15
CA ALA B 95 26.62 7.73 -6.57
C ALA B 95 27.63 8.27 -7.56
N CYS B 96 27.76 7.65 -8.73
CA CYS B 96 28.77 8.09 -9.69
C CYS B 96 28.16 8.29 -11.08
N VAL B 97 27.55 7.25 -11.65
CA VAL B 97 27.06 7.35 -13.02
C VAL B 97 26.04 8.47 -13.15
N ILE B 98 25.07 8.51 -12.24
CA ILE B 98 23.96 9.46 -12.37
C ILE B 98 24.45 10.89 -12.10
N PRO B 99 25.22 11.16 -11.03
CA PRO B 99 25.79 12.51 -10.89
C PRO B 99 26.61 12.97 -12.09
N LEU B 100 27.44 12.10 -12.66
CA LEU B 100 28.25 12.51 -13.80
C LEU B 100 27.37 12.82 -15.00
N TYR B 101 26.35 11.99 -15.24
CA TYR B 101 25.47 12.24 -16.37
C TYR B 101 24.65 13.52 -16.21
N ARG B 102 24.24 13.85 -14.99
CA ARG B 102 23.35 14.98 -14.81
C ARG B 102 24.05 16.30 -14.55
N PHE B 103 25.25 16.28 -13.99
CA PHE B 103 25.94 17.50 -13.55
C PHE B 103 27.33 17.70 -14.16
N GLY B 104 27.89 16.71 -14.85
CA GLY B 104 29.22 16.87 -15.39
C GLY B 104 29.24 17.62 -16.72
N SER B 105 30.40 18.21 -17.00
CA SER B 105 30.62 18.86 -18.28
C SER B 105 30.55 17.84 -19.42
N SER B 106 30.41 18.35 -20.66
CA SER B 106 30.51 17.46 -21.81
C SER B 106 31.90 16.86 -21.93
N GLU B 107 32.93 17.56 -21.46
CA GLU B 107 34.28 17.00 -21.47
C GLU B 107 34.40 15.82 -20.52
N LEU B 108 34.00 16.02 -19.27
CA LEU B 108 34.01 14.93 -18.30
C LEU B 108 33.14 13.78 -18.79
N LYS B 109 31.95 14.09 -19.30
CA LYS B 109 31.07 13.04 -19.79
C LYS B 109 31.72 12.28 -20.94
N ASP B 110 32.26 12.98 -21.92
CA ASP B 110 32.88 12.30 -23.05
C ASP B 110 34.07 11.48 -22.62
N LYS B 111 34.78 11.88 -21.57
CA LYS B 111 35.92 11.09 -21.16
C LYS B 111 35.53 9.85 -20.36
N TYR B 112 34.52 9.96 -19.47
CA TYR B 112 34.29 8.93 -18.48
C TYR B 112 32.94 8.22 -18.56
N LEU B 113 31.88 8.90 -19.00
CA LEU B 113 30.52 8.44 -18.75
C LEU B 113 30.24 7.08 -19.38
N GLU B 114 30.43 6.97 -20.70
CA GLU B 114 30.10 5.72 -21.38
C GLU B 114 30.90 4.54 -20.86
N SER B 115 32.13 4.77 -20.40
CA SER B 115 32.89 3.68 -19.80
C SER B 115 32.26 3.26 -18.48
N LEU B 116 31.77 4.22 -17.71
CA LEU B 116 31.11 3.82 -16.46
C LEU B 116 29.79 3.10 -16.76
N VAL B 117 29.03 3.61 -17.73
CA VAL B 117 27.72 3.08 -18.03
C VAL B 117 27.82 1.67 -18.56
N THR B 118 28.82 1.40 -19.40
CA THR B 118 28.98 0.09 -20.01
C THR B 118 29.82 -0.84 -19.17
N GLY B 119 30.30 -0.38 -18.01
CA GLY B 119 31.00 -1.24 -17.08
C GLY B 119 32.46 -1.46 -17.40
N LYS B 120 33.07 -0.63 -18.24
CA LYS B 120 34.51 -0.76 -18.41
C LYS B 120 35.23 -0.22 -17.19
N LEU B 121 34.66 0.77 -16.51
CA LEU B 121 35.22 1.32 -15.29
C LEU B 121 34.24 1.18 -14.13
N ILE B 122 34.74 0.68 -13.00
CA ILE B 122 33.99 0.62 -11.74
C ILE B 122 34.28 1.88 -10.93
N ALA B 123 33.24 2.43 -10.30
CA ALA B 123 33.38 3.65 -9.50
C ALA B 123 32.96 3.41 -8.05
N ALA B 124 33.55 4.21 -7.16
CA ALA B 124 33.26 4.22 -5.72
C ALA B 124 32.82 5.61 -5.30
N ASN B 125 32.07 5.68 -4.18
CA ASN B 125 31.56 6.93 -3.64
C ASN B 125 32.17 7.25 -2.28
N ALA B 126 32.53 8.51 -2.07
CA ALA B 126 33.23 8.95 -0.86
C ALA B 126 32.74 10.32 -0.41
N ALA B 127 31.84 10.34 0.58
CA ALA B 127 31.41 11.57 1.21
C ALA B 127 31.24 11.41 2.71
N THR B 128 31.47 10.23 3.25
CA THR B 128 31.21 9.90 4.65
C THR B 128 32.52 9.90 5.43
N GLU B 129 32.50 10.52 6.62
CA GLU B 129 33.66 10.58 7.51
C GLU B 129 33.20 10.37 8.96
N PRO B 130 34.12 10.20 9.91
CA PRO B 130 33.69 9.97 11.31
C PRO B 130 32.64 10.96 11.83
N ASP B 131 32.89 12.26 11.73
CA ASP B 131 31.89 13.27 12.07
C ASP B 131 31.18 13.86 10.86
N ALA B 132 31.60 13.49 9.65
CA ALA B 132 31.07 14.06 8.42
C ALA B 132 30.27 13.05 7.59
N GLY B 133 30.01 11.86 8.12
CA GLY B 133 29.14 10.94 7.41
C GLY B 133 27.71 11.43 7.30
N SER B 134 27.13 11.85 8.42
CA SER B 134 25.80 12.44 8.46
C SER B 134 25.83 13.86 7.89
N ASP B 135 26.35 14.80 8.67
CA ASP B 135 26.45 16.19 8.26
C ASP B 135 27.46 16.33 7.12
N ILE B 136 27.00 16.22 5.88
CA ILE B 136 27.85 16.34 4.69
C ILE B 136 27.86 17.79 4.23
N TYR B 137 28.14 18.69 5.18
CA TYR B 137 28.49 20.10 5.07
C TYR B 137 29.70 20.45 5.94
N ASN B 138 29.78 19.85 7.14
CA ASN B 138 30.98 19.90 7.98
C ASN B 138 31.77 18.62 7.73
N MET B 139 32.89 18.75 7.02
CA MET B 139 33.66 17.60 6.55
C MET B 139 35.15 17.87 6.68
N GLN B 140 35.88 16.88 7.16
CA GLN B 140 37.34 16.98 7.24
C GLN B 140 38.02 16.51 5.97
N ALA B 141 37.49 16.96 4.82
CA ALA B 141 38.09 16.73 3.51
C ALA B 141 38.02 18.06 2.77
N THR B 142 39.16 18.53 2.27
CA THR B 142 39.29 19.88 1.75
C THR B 142 40.03 19.87 0.41
N ALA B 143 39.55 20.65 -0.55
CA ALA B 143 40.18 20.77 -1.86
C ALA B 143 40.51 22.24 -2.12
N GLN B 144 41.73 22.65 -1.73
CA GLN B 144 42.09 24.06 -1.89
C GLN B 144 42.44 24.37 -3.35
N PRO B 145 42.02 25.52 -3.85
CA PRO B 145 42.32 25.87 -5.23
C PRO B 145 43.80 26.15 -5.43
N CYS B 146 44.27 25.90 -6.64
CA CYS B 146 45.65 26.13 -7.05
C CYS B 146 45.63 26.30 -8.56
N GLU B 147 46.80 26.56 -9.13
CA GLU B 147 46.87 26.85 -10.55
C GLU B 147 46.38 25.66 -11.38
N GLY B 148 45.35 25.90 -12.18
CA GLY B 148 44.80 24.89 -13.07
C GLY B 148 44.20 23.70 -12.35
N GLY B 149 43.77 23.87 -11.10
CA GLY B 149 43.13 22.78 -10.37
C GLY B 149 43.01 22.92 -8.87
N TYR B 150 43.15 21.81 -8.15
CA TYR B 150 42.97 21.80 -6.71
C TYR B 150 43.98 20.87 -6.06
N ILE B 151 44.17 21.08 -4.78
CA ILE B 151 44.98 20.19 -3.96
C ILE B 151 44.04 19.58 -2.94
N LEU B 152 43.88 18.27 -2.98
CA LEU B 152 42.92 17.58 -2.14
C LEU B 152 43.65 16.89 -1.00
N ASN B 153 43.08 16.99 0.19
CA ASN B 153 43.63 16.37 1.39
C ASN B 153 42.48 15.90 2.24
N GLY B 154 42.63 14.73 2.85
CA GLY B 154 41.63 14.25 3.77
C GLY B 154 41.69 12.73 3.87
N LYS B 155 40.64 12.20 4.47
CA LYS B 155 40.52 10.76 4.69
C LYS B 155 39.05 10.41 4.67
N LYS B 156 38.63 9.63 3.67
CA LYS B 156 37.27 9.14 3.59
C LYS B 156 37.23 7.66 3.94
N ILE B 157 36.24 7.28 4.74
CA ILE B 157 36.14 5.94 5.30
C ILE B 157 34.86 5.33 4.78
N PHE B 158 34.75 4.00 4.91
CA PHE B 158 33.57 3.24 4.49
C PHE B 158 33.24 3.48 3.02
N ILE B 159 34.24 3.36 2.15
CA ILE B 159 34.05 3.69 0.74
C ILE B 159 33.61 2.42 0.03
N THR B 160 32.33 2.37 -0.35
CA THR B 160 31.80 1.23 -1.08
C THR B 160 32.50 1.11 -2.44
N ASN B 161 33.03 -0.07 -2.71
CA ASN B 161 33.67 -0.46 -3.98
C ASN B 161 35.10 0.03 -4.14
N ALA B 162 35.69 0.72 -3.17
CA ALA B 162 37.06 1.20 -3.33
C ALA B 162 38.06 0.08 -3.62
N PRO B 163 37.99 -1.10 -3.00
CA PRO B 163 39.00 -2.14 -3.34
C PRO B 163 38.98 -2.55 -4.79
N ILE B 164 37.86 -2.38 -5.51
CA ILE B 164 37.74 -2.76 -6.91
C ILE B 164 37.63 -1.55 -7.86
N ALA B 165 37.60 -0.34 -7.33
CA ALA B 165 37.23 0.84 -8.10
C ALA B 165 38.33 1.34 -9.02
N ASP B 166 37.94 1.80 -10.20
CA ASP B 166 38.84 2.51 -11.10
C ASP B 166 38.77 4.03 -10.96
N VAL B 167 37.62 4.59 -10.58
CA VAL B 167 37.50 6.02 -10.36
C VAL B 167 36.71 6.22 -9.07
N PHE B 168 36.89 7.41 -8.48
CA PHE B 168 36.27 7.78 -7.24
C PHE B 168 35.61 9.14 -7.40
N ILE B 169 34.40 9.28 -6.87
CA ILE B 169 33.70 10.56 -6.79
C ILE B 169 33.86 11.08 -5.37
N ILE B 170 34.57 12.20 -5.23
CA ILE B 170 34.94 12.77 -3.94
C ILE B 170 34.17 14.06 -3.74
N TYR B 171 33.64 14.25 -2.52
CA TYR B 171 33.04 15.50 -2.09
C TYR B 171 34.02 16.17 -1.12
N ALA B 172 34.33 17.44 -1.37
CA ALA B 172 35.35 18.12 -0.59
C ALA B 172 34.97 19.58 -0.40
N LYS B 173 35.42 20.13 0.74
CA LYS B 173 35.21 21.53 1.10
C LYS B 173 36.02 22.45 0.20
N THR B 174 35.42 23.58 -0.18
CA THR B 174 36.11 24.59 -0.96
C THR B 174 35.90 25.99 -0.39
N GLY B 182 31.13 26.11 1.05
CA GLY B 182 30.85 25.25 -0.11
C GLY B 182 31.51 23.87 -0.16
N VAL B 183 30.85 22.94 -0.84
CA VAL B 183 31.39 21.61 -1.10
C VAL B 183 31.43 21.43 -2.61
N SER B 184 32.44 20.71 -3.09
CA SER B 184 32.47 20.41 -4.51
C SER B 184 32.69 18.93 -4.77
N ALA B 185 32.41 18.53 -6.00
CA ALA B 185 32.40 17.13 -6.39
C ALA B 185 33.49 16.93 -7.44
N PHE B 186 34.32 15.93 -7.20
CA PHE B 186 35.43 15.66 -8.10
C PHE B 186 35.48 14.18 -8.45
N LEU B 187 35.81 13.90 -9.70
CA LEU B 187 36.13 12.56 -10.16
C LEU B 187 37.64 12.40 -10.12
N ILE B 188 38.11 11.30 -9.53
CA ILE B 188 39.52 11.06 -9.34
C ILE B 188 39.84 9.65 -9.80
N GLU B 189 40.88 9.51 -10.65
CA GLU B 189 41.26 8.20 -11.15
C GLU B 189 42.11 7.45 -10.13
N LYS B 190 41.92 6.13 -10.08
CA LYS B 190 42.71 5.31 -9.18
C LYS B 190 44.17 5.34 -9.58
N GLY B 191 45.03 5.49 -8.60
CA GLY B 191 46.44 5.48 -8.86
C GLY B 191 47.07 6.84 -8.92
N THR B 192 46.28 7.88 -9.12
CA THR B 192 46.80 9.23 -9.14
C THR B 192 47.69 9.43 -7.91
N PRO B 193 48.84 10.10 -8.04
CA PRO B 193 49.80 10.16 -6.95
C PRO B 193 49.24 10.79 -5.70
N GLY B 194 49.52 10.19 -4.56
CA GLY B 194 49.00 10.66 -3.30
C GLY B 194 47.66 10.08 -2.92
N LEU B 195 46.98 9.41 -3.85
CA LEU B 195 45.76 8.67 -3.54
C LEU B 195 46.16 7.28 -3.09
N ASN B 196 45.81 6.95 -1.85
CA ASN B 196 46.16 5.68 -1.23
C ASN B 196 44.89 4.96 -0.83
N VAL B 197 44.53 3.90 -1.57
CA VAL B 197 43.41 3.05 -1.18
C VAL B 197 43.89 2.05 -0.14
N GLY B 198 43.08 1.84 0.89
CA GLY B 198 43.45 0.98 1.99
C GLY B 198 42.85 -0.41 1.88
N GLU B 199 43.31 -1.31 2.75
CA GLU B 199 42.85 -2.68 2.72
C GLU B 199 41.53 -2.85 3.47
N VAL B 200 40.92 -4.02 3.27
CA VAL B 200 39.55 -4.27 3.70
C VAL B 200 39.51 -4.72 5.16
N ILE B 201 38.51 -4.24 5.89
CA ILE B 201 38.20 -4.71 7.23
C ILE B 201 37.00 -5.66 7.06
N PRO B 202 36.99 -6.83 7.73
CA PRO B 202 35.95 -7.83 7.45
C PRO B 202 34.52 -7.29 7.53
N LYS B 203 33.64 -7.82 6.67
CA LYS B 203 32.28 -7.34 6.50
C LYS B 203 31.27 -8.47 6.69
N ASP B 204 30.05 -8.09 7.11
CA ASP B 204 28.97 -9.05 7.35
C ASP B 204 27.63 -8.55 6.79
N CYS B 205 27.35 -7.25 6.94
CA CYS B 205 26.13 -6.61 6.46
C CYS B 205 26.32 -6.22 4.99
N LEU B 206 25.88 -7.11 4.08
CA LEU B 206 26.24 -7.09 2.66
C LEU B 206 27.72 -7.45 2.54
N SER B 207 28.06 -8.65 3.02
CA SER B 207 29.44 -9.03 3.30
C SER B 207 30.36 -8.88 2.09
N ASN B 208 30.05 -9.59 0.97
CA ASN B 208 30.98 -9.63 -0.16
C ASN B 208 31.05 -8.31 -0.96
N CYS B 209 30.37 -7.24 -0.51
CA CYS B 209 30.48 -5.94 -1.15
C CYS B 209 31.69 -5.19 -0.57
N PRO B 210 32.74 -4.97 -1.36
CA PRO B 210 33.98 -4.42 -0.77
C PRO B 210 33.86 -2.96 -0.36
N TRP B 211 34.48 -2.64 0.77
CA TRP B 211 34.59 -1.28 1.26
C TRP B 211 35.88 -1.15 2.05
N SER B 212 36.38 0.07 2.16
CA SER B 212 37.62 0.39 2.86
C SER B 212 37.73 1.91 2.93
N GLU B 213 38.87 2.41 3.37
CA GLU B 213 39.07 3.84 3.48
C GLU B 213 40.18 4.30 2.55
N ILE B 214 40.04 5.52 2.04
CA ILE B 214 41.03 6.13 1.15
C ILE B 214 41.60 7.36 1.83
N VAL B 215 42.86 7.65 1.52
CA VAL B 215 43.57 8.80 2.09
C VAL B 215 44.06 9.68 0.95
N PHE B 216 43.74 10.97 1.03
CA PHE B 216 44.22 11.97 0.10
C PHE B 216 45.35 12.71 0.76
N ASN B 217 46.54 12.65 0.17
CA ASN B 217 47.71 13.34 0.69
C ASN B 217 48.27 14.20 -0.43
N ASP B 218 47.83 15.47 -0.46
CA ASP B 218 48.26 16.48 -1.44
C ASP B 218 48.05 15.98 -2.86
N ILE B 219 46.82 15.62 -3.17
CA ILE B 219 46.44 15.16 -4.50
C ILE B 219 46.14 16.37 -5.38
N PHE B 220 46.73 16.39 -6.56
CA PHE B 220 46.40 17.42 -7.54
C PHE B 220 45.24 16.91 -8.39
N ILE B 221 44.14 17.65 -8.37
CA ILE B 221 42.96 17.37 -9.19
C ILE B 221 42.99 18.33 -10.37
N PRO B 222 43.08 17.84 -11.60
CA PRO B 222 42.92 18.72 -12.77
C PRO B 222 41.61 19.49 -12.68
N GLN B 223 41.61 20.68 -13.28
CA GLN B 223 40.43 21.53 -13.25
C GLN B 223 39.23 20.82 -13.85
N SER B 224 39.45 20.05 -14.92
CA SER B 224 38.32 19.48 -15.63
C SER B 224 37.66 18.32 -14.89
N GLN B 225 38.28 17.79 -13.83
CA GLN B 225 37.74 16.65 -13.09
C GLN B 225 36.75 17.07 -12.02
N ARG B 226 36.48 18.36 -11.87
CA ARG B 226 35.40 18.81 -11.01
C ARG B 226 34.06 18.54 -11.70
N ILE B 227 33.09 18.07 -10.93
CA ILE B 227 31.74 17.78 -11.42
C ILE B 227 30.83 18.94 -11.05
N GLY B 228 30.21 19.54 -12.06
CA GLY B 228 29.37 20.70 -11.78
C GLY B 228 30.18 21.93 -11.40
N MET B 229 29.46 22.96 -10.95
CA MET B 229 30.06 24.20 -10.51
C MET B 229 30.70 24.04 -9.13
N GLU B 230 31.50 25.04 -8.75
CA GLU B 230 32.03 25.10 -7.40
C GLU B 230 30.88 25.28 -6.42
N GLY B 231 31.01 24.71 -5.23
CA GLY B 231 29.95 24.81 -4.23
C GLY B 231 28.72 23.96 -4.46
N ALA B 232 28.53 23.50 -5.71
CA ALA B 232 27.41 22.68 -6.16
C ALA B 232 27.36 21.28 -5.56
N GLY B 233 28.43 20.82 -4.90
CA GLY B 233 28.47 19.45 -4.43
C GLY B 233 27.22 19.05 -3.67
N GLY B 234 26.79 19.91 -2.76
CA GLY B 234 25.64 19.59 -1.92
C GLY B 234 24.39 19.27 -2.70
N ALA B 235 24.14 19.99 -3.79
CA ALA B 235 22.98 19.64 -4.61
C ALA B 235 23.19 18.32 -5.33
N ILE B 236 24.37 18.17 -5.97
CA ILE B 236 24.71 16.94 -6.69
C ILE B 236 24.54 15.74 -5.77
N PHE B 237 25.21 15.80 -4.62
CA PHE B 237 25.09 14.75 -3.63
C PHE B 237 23.64 14.49 -3.30
N HIS B 238 22.89 15.57 -3.03
CA HIS B 238 21.48 15.40 -2.69
C HIS B 238 20.79 14.57 -3.76
N ASP B 239 21.00 14.93 -5.04
CA ASP B 239 20.40 14.17 -6.12
C ASP B 239 20.75 12.68 -6.01
N SER B 240 22.04 12.38 -5.81
CA SER B 240 22.50 11.00 -5.62
C SER B 240 21.62 10.28 -4.62
N MET B 241 21.48 10.86 -3.43
CA MET B 241 20.84 10.12 -2.34
C MET B 241 19.42 9.79 -2.72
N ILE B 242 18.74 10.70 -3.41
CA ILE B 242 17.37 10.40 -3.84
C ILE B 242 17.35 9.13 -4.65
N TRP B 243 18.17 9.10 -5.71
CA TRP B 243 18.28 7.93 -6.57
C TRP B 243 18.67 6.71 -5.76
N GLU B 244 19.64 6.86 -4.87
CA GLU B 244 20.03 5.74 -4.03
C GLU B 244 18.85 5.25 -3.21
N LYS B 245 18.13 6.18 -2.58
CA LYS B 245 16.98 5.84 -1.79
C LYS B 245 16.03 4.99 -2.62
N GLY B 246 15.82 5.40 -3.88
CA GLY B 246 14.90 4.67 -4.73
C GLY B 246 15.43 3.30 -5.10
N CYS B 247 16.69 3.22 -5.52
CA CYS B 247 17.20 1.96 -6.03
C CYS B 247 17.26 0.92 -4.92
N LEU B 248 17.80 1.30 -3.77
CA LEU B 248 17.79 0.38 -2.65
C LEU B 248 16.37 -0.01 -2.27
N SER B 249 15.44 0.95 -2.33
CA SER B 249 14.07 0.54 -2.06
C SER B 249 13.65 -0.55 -3.03
N ALA B 250 13.91 -0.35 -4.32
CA ALA B 250 13.57 -1.36 -5.32
C ALA B 250 14.23 -2.70 -4.98
N LEU B 251 15.50 -2.65 -4.62
CA LEU B 251 16.24 -3.88 -4.39
C LEU B 251 15.58 -4.69 -3.29
N PHE B 252 15.17 -3.99 -2.22
CA PHE B 252 14.63 -4.70 -1.07
C PHE B 252 13.23 -5.16 -1.36
N VAL B 253 12.46 -4.39 -2.16
CA VAL B 253 11.18 -4.94 -2.53
C VAL B 253 11.40 -6.27 -3.23
N GLY B 254 12.40 -6.32 -4.12
CA GLY B 254 12.68 -7.57 -4.82
C GLY B 254 13.08 -8.68 -3.87
N GLY B 255 13.99 -8.37 -2.92
CA GLY B 255 14.37 -9.38 -1.96
C GLY B 255 13.20 -9.85 -1.14
N LEU B 256 12.33 -8.90 -0.76
CA LEU B 256 11.12 -9.24 -0.04
C LEU B 256 10.27 -10.22 -0.86
N ALA B 257 10.13 -9.96 -2.17
CA ALA B 257 9.41 -10.90 -3.03
C ALA B 257 10.08 -12.26 -2.98
N ARG B 258 11.40 -12.30 -3.12
CA ARG B 258 12.10 -13.57 -3.04
C ARG B 258 11.81 -14.22 -1.71
N LEU B 259 11.94 -13.45 -0.63
CA LEU B 259 11.77 -14.01 0.70
C LEU B 259 10.39 -14.62 0.86
N LEU B 260 9.37 -14.03 0.20
CA LEU B 260 8.02 -14.54 0.36
C LEU B 260 7.86 -15.87 -0.35
N GLU B 261 8.36 -15.96 -1.59
CA GLU B 261 8.19 -17.18 -2.36
C GLU B 261 8.89 -18.34 -1.67
N THR B 262 10.13 -18.12 -1.27
CA THR B 262 10.87 -19.09 -0.48
C THR B 262 10.05 -19.54 0.73
N THR B 263 9.57 -18.59 1.54
CA THR B 263 8.83 -19.00 2.72
C THR B 263 7.58 -19.79 2.33
N LEU B 264 6.92 -19.37 1.25
CA LEU B 264 5.76 -20.08 0.78
C LEU B 264 6.09 -21.54 0.45
N GLU B 265 7.22 -21.74 -0.23
CA GLU B 265 7.66 -23.10 -0.53
C GLU B 265 7.82 -23.88 0.77
N TYR B 266 8.62 -23.34 1.68
CA TYR B 266 8.88 -24.06 2.92
C TYR B 266 7.58 -24.37 3.64
N ALA B 267 6.55 -23.56 3.42
CA ALA B 267 5.32 -23.80 4.17
C ALA B 267 4.44 -24.83 3.49
N LYS B 268 4.42 -24.85 2.16
CA LYS B 268 3.60 -25.82 1.44
C LYS B 268 4.18 -27.22 1.46
N ALA B 269 5.48 -27.34 1.67
CA ALA B 269 6.14 -28.64 1.65
C ALA B 269 6.29 -29.22 3.04
N ARG B 270 6.85 -28.45 3.98
CA ARG B 270 7.08 -28.93 5.33
C ARG B 270 5.82 -29.52 5.94
N GLN B 271 5.82 -30.83 6.15
CA GLN B 271 4.68 -31.57 6.69
C GLN B 271 4.92 -31.89 8.17
N GLN B 272 3.99 -31.47 9.03
CA GLN B 272 4.06 -31.76 10.45
C GLN B 272 2.65 -31.90 11.01
N PHE B 273 2.46 -32.93 11.85
CA PHE B 273 1.15 -33.33 12.39
C PHE B 273 0.19 -33.83 11.31
N GLY B 274 0.72 -34.26 10.16
CA GLY B 274 -0.11 -34.78 9.10
C GLY B 274 -0.57 -33.77 8.08
N LYS B 275 -0.03 -32.56 8.12
CA LYS B 275 -0.43 -31.49 7.21
C LYS B 275 0.75 -30.54 7.06
N ALA B 276 0.74 -29.79 5.95
CA ALA B 276 1.75 -28.75 5.74
C ALA B 276 1.67 -27.71 6.86
N ILE B 277 2.83 -27.31 7.39
CA ILE B 277 2.86 -26.43 8.54
C ILE B 277 2.28 -25.06 8.23
N GLY B 278 2.01 -24.76 6.96
CA GLY B 278 1.30 -23.55 6.58
C GLY B 278 -0.15 -23.54 6.98
N GLN B 279 -0.72 -24.68 7.34
CA GLN B 279 -2.05 -24.72 7.92
C GLN B 279 -2.04 -24.38 9.41
N PHE B 280 -0.86 -24.30 10.02
CA PHE B 280 -0.72 -23.81 11.39
C PHE B 280 -0.68 -22.29 11.36
N GLN B 281 -1.62 -21.67 12.06
CA GLN B 281 -1.91 -20.26 11.90
C GLN B 281 -0.75 -19.35 12.28
N SER B 282 0.27 -19.84 13.00
CA SER B 282 1.44 -18.99 13.28
C SER B 282 2.23 -18.70 12.01
N VAL B 283 2.65 -19.75 11.30
CA VAL B 283 3.40 -19.59 10.05
C VAL B 283 2.52 -18.92 9.00
N SER B 284 1.25 -19.30 8.96
CA SER B 284 0.35 -18.73 7.98
C SER B 284 0.17 -17.23 8.20
N ASN B 285 0.07 -16.82 9.48
CA ASN B 285 -0.06 -15.39 9.81
C ASN B 285 1.20 -14.61 9.45
N ARG B 286 2.37 -15.21 9.65
CA ARG B 286 3.59 -14.53 9.22
C ARG B 286 3.66 -14.39 7.70
N ILE B 287 3.21 -15.39 6.95
CA ILE B 287 3.21 -15.26 5.51
C ILE B 287 2.22 -14.21 5.05
N ILE B 288 1.03 -14.19 5.65
CA ILE B 288 0.06 -13.16 5.31
C ILE B 288 0.63 -11.78 5.59
N ASP B 289 1.34 -11.63 6.71
CA ASP B 289 2.00 -10.36 7.01
C ASP B 289 2.98 -9.97 5.91
N MET B 290 3.81 -10.93 5.50
CA MET B 290 4.80 -10.64 4.45
C MET B 290 4.13 -10.13 3.20
N LYS B 291 3.04 -10.79 2.81
CA LYS B 291 2.31 -10.45 1.59
C LYS B 291 1.70 -9.06 1.71
N LEU B 292 1.09 -8.76 2.87
CA LEU B 292 0.51 -7.44 3.07
C LEU B 292 1.59 -6.37 2.94
N ARG B 293 2.72 -6.56 3.64
CA ARG B 293 3.82 -5.60 3.61
C ARG B 293 4.32 -5.37 2.19
N LEU B 294 4.58 -6.47 1.49
CA LEU B 294 5.16 -6.39 0.17
C LEU B 294 4.24 -5.63 -0.79
N GLU B 295 2.96 -5.98 -0.82
CA GLU B 295 2.09 -5.31 -1.77
C GLU B 295 2.00 -3.81 -1.47
N GLN B 296 1.88 -3.45 -0.18
CA GLN B 296 1.74 -2.04 0.19
C GLN B 296 2.97 -1.22 -0.20
N CYS B 297 4.16 -1.70 0.16
CA CYS B 297 5.32 -0.87 -0.10
C CYS B 297 5.75 -0.95 -1.56
N ARG B 298 5.44 -2.04 -2.25
CA ARG B 298 5.57 -2.07 -3.70
C ARG B 298 4.77 -0.94 -4.34
N LEU B 299 3.49 -0.79 -3.96
CA LEU B 299 2.65 0.25 -4.57
C LEU B 299 3.15 1.65 -4.22
N MET B 300 3.56 1.85 -2.96
CA MET B 300 4.11 3.15 -2.58
C MET B 300 5.34 3.47 -3.42
N LEU B 301 6.17 2.46 -3.69
CA LEU B 301 7.40 2.71 -4.46
C LEU B 301 7.09 3.06 -5.90
N TYR B 302 6.22 2.28 -6.54
CA TYR B 302 5.83 2.58 -7.92
C TYR B 302 5.24 3.98 -8.02
N ARG B 303 4.42 4.38 -7.05
CA ARG B 303 3.80 5.69 -7.18
C ARG B 303 4.82 6.80 -7.04
N ALA B 304 5.76 6.68 -6.10
CA ALA B 304 6.84 7.67 -6.03
C ALA B 304 7.59 7.75 -7.37
N CYS B 305 7.99 6.60 -7.91
CA CYS B 305 8.76 6.62 -9.15
C CYS B 305 7.95 7.23 -10.29
N TRP B 306 6.68 6.84 -10.40
CA TRP B 306 5.82 7.33 -11.45
C TRP B 306 5.58 8.84 -11.32
N LYS B 307 5.36 9.34 -10.10
CA LYS B 307 5.21 10.77 -9.89
C LYS B 307 6.44 11.51 -10.41
N HIS B 308 7.62 10.98 -10.08
CA HIS B 308 8.84 11.59 -10.59
C HIS B 308 8.85 11.62 -12.12
N ASP B 309 8.58 10.48 -12.75
CA ASP B 309 8.52 10.43 -14.20
C ASP B 309 7.47 11.37 -14.77
N GLN B 310 6.46 11.78 -14.00
CA GLN B 310 5.49 12.78 -14.47
C GLN B 310 6.02 14.20 -14.36
N GLY B 311 7.21 14.39 -13.80
CA GLY B 311 7.67 15.72 -13.53
C GLY B 311 7.18 16.28 -12.22
N GLN B 312 6.36 15.53 -11.48
CA GLN B 312 5.98 15.96 -10.15
C GLN B 312 7.14 15.78 -9.19
N ASP B 313 7.05 16.44 -8.03
CA ASP B 313 8.07 16.33 -6.99
C ASP B 313 7.75 15.13 -6.13
N ALA B 314 8.65 14.16 -6.13
CA ALA B 314 8.38 12.86 -5.57
C ALA B 314 9.12 12.61 -4.26
N GLU B 315 9.82 13.61 -3.74
CA GLU B 315 10.81 13.40 -2.69
C GLU B 315 10.17 12.90 -1.39
N ALA B 316 8.98 13.42 -1.06
CA ALA B 316 8.27 12.92 0.11
C ALA B 316 7.72 11.52 -0.13
N ASP B 317 7.27 11.24 -1.36
CA ASP B 317 6.78 9.91 -1.66
C ASP B 317 7.90 8.89 -1.56
N ILE B 318 9.10 9.25 -2.00
CA ILE B 318 10.23 8.33 -1.91
C ILE B 318 10.68 8.19 -0.46
N ALA B 319 10.60 9.26 0.34
CA ALA B 319 10.85 9.14 1.78
C ALA B 319 9.87 8.15 2.43
N MET B 320 8.59 8.26 2.10
CA MET B 320 7.62 7.30 2.60
C MET B 320 7.99 5.87 2.18
N SER B 321 8.41 5.70 0.92
CA SER B 321 8.79 4.39 0.42
C SER B 321 9.94 3.80 1.21
N LYS B 322 11.00 4.59 1.39
CA LYS B 322 12.18 4.08 2.07
C LYS B 322 11.85 3.70 3.50
N LEU B 323 11.07 4.55 4.17
CA LEU B 323 10.62 4.27 5.52
C LEU B 323 9.91 2.92 5.59
N LEU B 324 8.89 2.76 4.73
CA LEU B 324 8.08 1.56 4.76
C LEU B 324 8.89 0.31 4.43
N ILE B 325 9.76 0.38 3.42
CA ILE B 325 10.51 -0.82 3.01
C ILE B 325 11.57 -1.19 4.05
N SER B 326 12.29 -0.19 4.58
CA SER B 326 13.19 -0.47 5.68
C SER B 326 12.48 -1.24 6.78
N GLU B 327 11.36 -0.70 7.26
CA GLU B 327 10.68 -1.34 8.37
C GLU B 327 10.22 -2.75 7.99
N TYR B 328 9.51 -2.86 6.87
CA TYR B 328 8.90 -4.14 6.51
C TYR B 328 9.96 -5.20 6.24
N ALA B 329 11.07 -4.82 5.59
CA ALA B 329 12.11 -5.81 5.30
C ALA B 329 12.69 -6.39 6.58
N VAL B 330 13.02 -5.52 7.55
CA VAL B 330 13.52 -6.03 8.83
C VAL B 330 12.47 -6.96 9.48
N GLN B 331 11.23 -6.48 9.60
CA GLN B 331 10.21 -7.26 10.29
C GLN B 331 10.00 -8.63 9.64
N SER B 332 9.91 -8.65 8.30
CA SER B 332 9.69 -9.91 7.61
C SER B 332 10.90 -10.83 7.72
N GLY B 333 12.12 -10.28 7.73
CA GLY B 333 13.28 -11.12 7.96
C GLY B 333 13.23 -11.80 9.31
N LEU B 334 12.81 -11.06 10.34
CA LEU B 334 12.55 -11.67 11.64
C LEU B 334 11.51 -12.77 11.52
N ASP B 335 10.37 -12.45 10.92
CA ASP B 335 9.31 -13.43 10.75
C ASP B 335 9.84 -14.70 10.08
N ALA B 336 10.77 -14.55 9.13
CA ALA B 336 11.27 -15.70 8.39
C ALA B 336 12.20 -16.54 9.25
N ILE B 337 13.04 -15.88 10.04
CA ILE B 337 13.86 -16.61 11.00
C ILE B 337 12.96 -17.41 11.95
N GLN B 338 11.88 -16.79 12.41
CA GLN B 338 10.93 -17.47 13.28
C GLN B 338 10.25 -18.64 12.56
N THR B 339 9.97 -18.49 11.26
CA THR B 339 9.27 -19.51 10.50
C THR B 339 10.15 -20.71 10.19
N PHE B 340 11.43 -20.47 9.89
CA PHE B 340 12.31 -21.59 9.59
C PHE B 340 12.77 -22.28 10.86
N GLY B 341 13.00 -21.54 11.95
CA GLY B 341 13.36 -22.18 13.19
C GLY B 341 14.83 -22.53 13.26
N GLY B 342 15.14 -23.83 13.35
CA GLY B 342 16.51 -24.31 13.37
C GLY B 342 17.10 -24.60 12.01
N ALA B 343 16.32 -24.46 10.94
CA ALA B 343 16.83 -24.53 9.58
C ALA B 343 17.14 -23.15 9.02
N ALA B 344 16.94 -22.08 9.80
CA ALA B 344 17.16 -20.72 9.33
C ALA B 344 18.63 -20.34 9.29
N MET B 345 19.42 -20.86 10.23
CA MET B 345 20.85 -20.59 10.28
C MET B 345 21.63 -21.42 9.25
N ASP B 346 20.94 -21.92 8.23
CA ASP B 346 21.57 -22.60 7.11
C ASP B 346 22.25 -21.55 6.23
N GLN B 347 23.58 -21.52 6.26
CA GLN B 347 24.32 -20.57 5.42
C GLN B 347 23.98 -20.80 3.94
N GLU B 348 23.66 -22.04 3.56
CA GLU B 348 23.24 -22.31 2.20
C GLU B 348 21.86 -21.74 1.92
N LEU B 349 20.97 -21.76 2.92
CA LEU B 349 19.67 -21.11 2.78
C LEU B 349 19.82 -19.59 2.77
N GLY B 350 20.80 -19.07 3.48
CA GLY B 350 21.18 -17.67 3.36
C GLY B 350 20.18 -16.68 3.90
N LEU B 351 19.35 -17.08 4.86
CA LEU B 351 18.38 -16.15 5.42
C LEU B 351 19.02 -15.20 6.43
N VAL B 352 19.83 -15.73 7.36
CA VAL B 352 20.46 -14.89 8.37
C VAL B 352 21.37 -13.88 7.69
N ARG B 353 22.06 -14.29 6.64
CA ARG B 353 22.84 -13.35 5.86
C ARG B 353 21.94 -12.40 5.08
N HIS B 354 20.75 -12.84 4.67
CA HIS B 354 19.80 -11.92 4.04
C HIS B 354 19.49 -10.75 4.97
N LEU B 355 19.15 -11.06 6.22
CA LEU B 355 18.88 -9.99 7.19
C LEU B 355 20.14 -9.18 7.49
N LEU B 356 21.30 -9.85 7.55
CA LEU B 356 22.56 -9.12 7.69
C LEU B 356 22.70 -8.06 6.61
N ASN B 357 22.40 -8.43 5.36
CA ASN B 357 22.54 -7.50 4.26
C ASN B 357 21.46 -6.43 4.29
N MET B 358 20.31 -6.74 4.89
CA MET B 358 19.24 -5.77 5.06
C MET B 358 19.47 -4.81 6.22
N ILE B 359 20.42 -5.12 7.11
CA ILE B 359 20.72 -4.20 8.22
C ILE B 359 21.07 -2.78 7.76
N PRO B 360 21.95 -2.57 6.75
CA PRO B 360 22.33 -1.19 6.39
C PRO B 360 21.26 -0.39 5.67
N SER B 361 19.99 -0.82 5.71
CA SER B 361 18.93 -0.05 5.06
C SER B 361 18.66 1.25 5.82
N ARG B 362 18.58 1.17 7.15
CA ARG B 362 18.53 2.34 8.00
C ARG B 362 19.93 2.85 8.32
N ILE B 363 20.94 2.39 7.58
CA ILE B 363 22.33 2.81 7.75
C ILE B 363 22.95 3.16 6.39
N PHE B 364 22.27 3.98 5.59
CA PHE B 364 22.88 4.37 4.33
C PHE B 364 22.41 5.72 3.76
N SER B 365 21.14 5.83 3.38
CA SER B 365 20.62 7.06 2.77
C SER B 365 19.64 7.75 3.69
N GLY B 366 19.97 7.80 4.98
CA GLY B 366 19.07 8.32 5.97
C GLY B 366 18.57 7.27 6.92
N THR B 367 18.72 7.53 8.22
CA THR B 367 17.91 6.78 9.16
C THR B 367 16.43 7.13 8.93
N ASN B 368 15.58 6.43 9.65
CA ASN B 368 14.15 6.66 9.47
C ASN B 368 13.72 8.04 9.97
N ASP B 369 14.47 8.63 10.91
CA ASP B 369 14.12 9.95 11.42
C ASP B 369 14.26 11.02 10.35
N ILE B 370 15.22 10.87 9.45
CA ILE B 370 15.37 11.83 8.35
C ILE B 370 14.15 11.77 7.43
N GLN B 371 13.67 10.55 7.14
CA GLN B 371 12.48 10.43 6.29
C GLN B 371 11.28 11.06 6.97
N LYS B 372 11.13 10.81 8.28
CA LYS B 372 10.03 11.42 9.01
C LYS B 372 10.09 12.94 8.91
N GLU B 373 11.31 13.51 8.96
CA GLU B 373 11.43 14.97 8.82
C GLU B 373 11.01 15.44 7.44
N ILE B 374 11.40 14.72 6.39
CA ILE B 374 10.97 15.09 5.04
C ILE B 374 9.45 15.09 4.94
N ILE B 375 8.82 14.02 5.46
CA ILE B 375 7.36 13.90 5.39
C ILE B 375 6.68 15.00 6.21
N ALA B 376 7.18 15.25 7.42
CA ALA B 376 6.59 16.28 8.25
C ALA B 376 6.69 17.64 7.59
N ARG B 377 7.86 17.96 7.01
CA ARG B 377 7.98 19.22 6.30
C ARG B 377 7.00 19.29 5.14
N LYS B 378 6.86 18.21 4.37
CA LYS B 378 5.88 18.19 3.30
C LYS B 378 4.45 18.37 3.80
N LEU B 379 4.16 17.96 5.04
CA LEU B 379 2.81 18.08 5.59
C LEU B 379 2.51 19.46 6.16
N GLY B 380 3.51 20.31 6.32
CA GLY B 380 3.33 21.62 6.91
C GLY B 380 3.54 21.66 8.41
N LEU B 381 4.37 20.76 8.95
CA LEU B 381 4.50 20.63 10.39
C LEU B 381 5.77 21.28 10.93
N ARG B 382 6.40 22.16 10.16
CA ARG B 382 7.58 22.88 10.63
C ARG B 382 8.12 23.85 9.57
#